data_3ND6
#
_entry.id   3ND6
#
_cell.length_a   112.793
_cell.length_b   123.906
_cell.length_c   124.233
_cell.angle_alpha   90.00
_cell.angle_beta   90.00
_cell.angle_gamma   90.00
#
_symmetry.space_group_name_H-M   'P 21 21 21'
#
loop_
_entity.id
_entity.type
_entity.pdbx_description
1 polymer 'Phosphopantetheine adenylyltransferase'
2 non-polymer "ADENOSINE-5'-TRIPHOSPHATE"
3 water water
#
_entity_poly.entity_id   1
_entity_poly.type   'polypeptide(L)'
_entity_poly.pdbx_seq_one_letter_code
;MRKIALFPGSFDPMTNGHLNLIERSAKLFDEVIIGVFINTSKQTLFTPEEKKYLIEEATKEMPNVRVIMQETQLTVESAK
SLGANFLIRGIRNVKDYEYEKDIAKMNQHLAPEIETVFLLAEEPYAHVSSSLLKEVLRFGGDVSDYLPPNIYHALKQKKN
DWSLEHHHHHH
;
_entity_poly.pdbx_strand_id   A,B,C,D,E,F
#
loop_
_chem_comp.id
_chem_comp.type
_chem_comp.name
_chem_comp.formula
ATP non-polymer ADENOSINE-5'-TRIPHOSPHATE 'C10 H16 N5 O13 P3'
#
# COMPACT_ATOMS: atom_id res chain seq x y z
N MET A 1 -11.91 5.11 -31.20
CA MET A 1 -10.75 4.44 -31.79
C MET A 1 -11.05 2.98 -32.14
N ARG A 2 -10.44 2.50 -33.21
CA ARG A 2 -10.52 1.09 -33.54
C ARG A 2 -10.11 0.22 -32.34
N LYS A 3 -10.96 -0.74 -32.03
CA LYS A 3 -10.82 -1.57 -30.86
C LYS A 3 -9.73 -2.62 -31.03
N ILE A 4 -8.51 -2.16 -31.27
CA ILE A 4 -7.38 -3.07 -31.47
C ILE A 4 -6.39 -2.96 -30.29
N ALA A 5 -6.17 -4.08 -29.61
CA ALA A 5 -5.39 -4.04 -28.37
C ALA A 5 -4.12 -4.89 -28.44
N LEU A 6 -3.06 -4.40 -27.84
CA LEU A 6 -1.83 -5.16 -27.66
C LEU A 6 -1.71 -5.59 -26.18
N PHE A 7 -1.43 -6.87 -25.97
CA PHE A 7 -1.19 -7.45 -24.65
C PHE A 7 0.23 -7.98 -24.65
N PRO A 8 1.19 -7.13 -24.25
CA PRO A 8 2.63 -7.37 -24.34
C PRO A 8 3.15 -8.21 -23.17
N GLY A 9 4.13 -9.09 -23.43
CA GLY A 9 4.78 -9.83 -22.36
C GLY A 9 5.79 -10.83 -22.88
N SER A 10 6.46 -11.54 -21.97
CA SER A 10 7.41 -12.55 -22.39
C SER A 10 6.77 -13.93 -22.37
N PHE A 11 5.72 -14.07 -21.58
CA PHE A 11 4.99 -15.32 -21.51
C PHE A 11 5.92 -16.52 -21.49
N ASP A 12 6.80 -16.57 -20.48
CA ASP A 12 7.59 -17.78 -20.25
C ASP A 12 7.47 -18.30 -18.83
N PRO A 13 6.51 -19.21 -18.61
CA PRO A 13 5.55 -19.54 -19.66
C PRO A 13 4.32 -18.68 -19.50
N MET A 14 3.46 -18.69 -20.51
CA MET A 14 2.10 -18.19 -20.35
C MET A 14 1.40 -18.98 -19.25
N THR A 15 0.66 -18.28 -18.41
CA THR A 15 -0.09 -18.92 -17.33
C THR A 15 -1.58 -18.77 -17.54
N ASN A 16 -2.35 -19.45 -16.69
CA ASN A 16 -3.79 -19.30 -16.73
C ASN A 16 -4.22 -17.88 -16.38
N GLY A 17 -3.33 -17.16 -15.69
CA GLY A 17 -3.52 -15.75 -15.41
C GLY A 17 -3.55 -14.90 -16.66
N HIS A 18 -2.53 -15.03 -17.51
CA HIS A 18 -2.49 -14.36 -18.81
C HIS A 18 -3.70 -14.74 -19.64
N LEU A 19 -3.96 -16.05 -19.69
CA LEU A 19 -5.04 -16.60 -20.50
C LEU A 19 -6.37 -15.97 -20.07
N ASN A 20 -6.55 -15.90 -18.76
CA ASN A 20 -7.76 -15.32 -18.19
C ASN A 20 -7.96 -13.87 -18.64
N LEU A 21 -6.90 -13.07 -18.67
CA LEU A 21 -6.98 -11.67 -19.12
C LEU A 21 -7.30 -11.58 -20.61
N ILE A 22 -6.70 -12.48 -21.38
CA ILE A 22 -6.93 -12.57 -22.81
C ILE A 22 -8.39 -12.92 -23.10
N GLU A 23 -8.89 -13.97 -22.43
CA GLU A 23 -10.31 -14.33 -22.54
C GLU A 23 -11.24 -13.12 -22.26
N ARG A 24 -10.97 -12.37 -21.19
CA ARG A 24 -11.82 -11.25 -20.85
C ARG A 24 -11.62 -10.09 -21.84
N SER A 25 -10.37 -9.84 -22.21
CA SER A 25 -10.07 -8.85 -23.25
C SER A 25 -10.79 -9.19 -24.56
N ALA A 26 -10.91 -10.48 -24.85
CA ALA A 26 -11.50 -10.89 -26.13
C ALA A 26 -12.98 -10.52 -26.20
N LYS A 27 -13.59 -10.30 -25.05
CA LYS A 27 -15.01 -9.92 -25.03
C LYS A 27 -15.23 -8.44 -25.34
N LEU A 28 -14.15 -7.67 -25.33
CA LEU A 28 -14.27 -6.23 -25.45
C LEU A 28 -13.67 -5.74 -26.75
N PHE A 29 -12.51 -6.26 -27.11
CA PHE A 29 -11.80 -5.71 -28.26
C PHE A 29 -12.16 -6.48 -29.52
N ASP A 30 -12.11 -5.82 -30.67
CA ASP A 30 -12.30 -6.53 -31.95
C ASP A 30 -11.08 -7.39 -32.23
N GLU A 31 -9.93 -6.93 -31.76
CA GLU A 31 -8.68 -7.63 -32.03
C GLU A 31 -7.80 -7.52 -30.79
N VAL A 32 -7.41 -8.68 -30.24
CA VAL A 32 -6.44 -8.73 -29.16
C VAL A 32 -5.15 -9.32 -29.66
N ILE A 33 -4.10 -8.50 -29.73
CA ILE A 33 -2.80 -8.99 -30.17
C ILE A 33 -1.95 -9.39 -28.98
N ILE A 34 -1.59 -10.66 -28.89
CA ILE A 34 -0.64 -11.11 -27.90
C ILE A 34 0.75 -10.92 -28.45
N GLY A 35 1.46 -9.93 -27.90
CA GLY A 35 2.79 -9.58 -28.36
C GLY A 35 3.85 -10.23 -27.50
N VAL A 36 4.49 -11.25 -28.07
CA VAL A 36 5.51 -12.01 -27.37
C VAL A 36 6.88 -11.43 -27.68
N PHE A 37 7.43 -10.70 -26.74
CA PHE A 37 8.70 -10.02 -26.94
C PHE A 37 9.87 -10.92 -26.56
N ILE A 38 10.72 -11.21 -27.54
CA ILE A 38 11.83 -12.13 -27.37
C ILE A 38 13.09 -11.38 -26.94
N LEU A 45 12.39 -21.05 -20.25
CA LEU A 45 12.82 -20.23 -21.37
C LEU A 45 12.85 -21.08 -22.65
N PHE A 46 11.77 -20.99 -23.44
CA PHE A 46 11.60 -21.79 -24.66
C PHE A 46 12.23 -21.16 -25.90
N THR A 47 11.79 -21.62 -27.06
CA THR A 47 12.20 -21.04 -28.33
C THR A 47 11.04 -20.25 -28.95
N PRO A 48 11.33 -19.07 -29.50
CA PRO A 48 10.36 -18.20 -30.17
C PRO A 48 9.28 -18.98 -30.92
N GLU A 49 9.66 -19.88 -31.81
CA GLU A 49 8.71 -20.63 -32.62
C GLU A 49 7.89 -21.58 -31.77
N GLU A 50 8.51 -22.07 -30.69
CA GLU A 50 7.82 -22.92 -29.72
C GLU A 50 6.79 -22.11 -28.93
N LYS A 51 7.21 -20.95 -28.42
CA LYS A 51 6.29 -20.09 -27.70
C LYS A 51 5.06 -19.82 -28.55
N LYS A 52 5.28 -19.34 -29.78
CA LYS A 52 4.17 -18.95 -30.63
C LYS A 52 3.19 -20.11 -30.74
N TYR A 53 3.72 -21.30 -31.01
CA TYR A 53 2.89 -22.48 -31.14
C TYR A 53 2.11 -22.77 -29.86
N LEU A 54 2.82 -22.79 -28.74
CA LEU A 54 2.18 -23.01 -27.43
C LEU A 54 1.06 -22.00 -27.19
N ILE A 55 1.36 -20.73 -27.41
CA ILE A 55 0.39 -19.66 -27.19
C ILE A 55 -0.80 -19.69 -28.17
N GLU A 56 -0.51 -19.88 -29.45
CA GLU A 56 -1.61 -20.06 -30.42
C GLU A 56 -2.47 -21.27 -30.05
N GLU A 57 -1.80 -22.36 -29.69
CA GLU A 57 -2.54 -23.55 -29.27
C GLU A 57 -3.43 -23.21 -28.06
N ALA A 58 -2.86 -22.54 -27.06
CA ALA A 58 -3.65 -22.19 -25.86
C ALA A 58 -4.79 -21.18 -26.09
N THR A 59 -4.73 -20.43 -27.18
CA THR A 59 -5.76 -19.42 -27.42
C THR A 59 -6.54 -19.63 -28.71
N LYS A 60 -6.46 -20.84 -29.26
CA LYS A 60 -7.09 -21.14 -30.57
C LYS A 60 -8.62 -21.02 -30.57
N GLU A 61 -9.23 -21.09 -29.40
CA GLU A 61 -10.70 -21.02 -29.27
C GLU A 61 -11.23 -19.61 -29.51
N MET A 62 -10.32 -18.64 -29.64
CA MET A 62 -10.72 -17.25 -29.74
C MET A 62 -10.38 -16.68 -31.11
N PRO A 63 -11.42 -16.42 -31.92
CA PRO A 63 -11.26 -15.94 -33.29
C PRO A 63 -10.56 -14.57 -33.36
N ASN A 64 -10.73 -13.75 -32.33
CA ASN A 64 -10.24 -12.39 -32.39
C ASN A 64 -8.93 -12.19 -31.62
N VAL A 65 -8.23 -13.29 -31.39
CA VAL A 65 -6.91 -13.23 -30.77
C VAL A 65 -5.86 -13.63 -31.78
N ARG A 66 -4.78 -12.87 -31.85
CA ARG A 66 -3.66 -13.30 -32.65
C ARG A 66 -2.34 -13.22 -31.88
N VAL A 67 -1.37 -13.99 -32.31
CA VAL A 67 -0.11 -14.05 -31.62
C VAL A 67 0.95 -13.51 -32.53
N ILE A 68 1.71 -12.54 -32.04
CA ILE A 68 2.76 -11.94 -32.85
C ILE A 68 4.06 -11.77 -32.07
N MET A 69 5.10 -12.43 -32.57
CA MET A 69 6.42 -12.32 -32.01
C MET A 69 6.98 -10.94 -32.34
N GLN A 70 7.69 -10.35 -31.40
CA GLN A 70 8.26 -9.03 -31.58
C GLN A 70 9.65 -9.02 -30.97
N GLU A 71 10.57 -8.33 -31.61
CA GLU A 71 11.88 -8.14 -31.01
C GLU A 71 11.71 -7.06 -29.97
N THR A 72 12.52 -7.11 -28.90
CA THR A 72 12.36 -6.15 -27.81
C THR A 72 12.50 -4.72 -28.30
N GLN A 73 11.66 -3.84 -27.75
CA GLN A 73 11.54 -2.48 -28.25
C GLN A 73 10.54 -1.75 -27.35
N LEU A 74 10.34 -0.47 -27.60
CA LEU A 74 9.28 0.25 -26.91
C LEU A 74 7.93 -0.40 -27.22
N THR A 75 7.25 -0.85 -26.17
CA THR A 75 5.90 -1.35 -26.29
C THR A 75 4.98 -0.46 -27.17
N VAL A 76 5.09 0.86 -27.07
CA VAL A 76 4.18 1.73 -27.80
C VAL A 76 4.60 1.82 -29.26
N GLU A 77 5.85 1.46 -29.53
CA GLU A 77 6.34 1.40 -30.91
C GLU A 77 5.83 0.11 -31.52
N SER A 78 5.84 -0.96 -30.73
CA SER A 78 5.24 -2.20 -31.16
C SER A 78 3.75 -1.98 -31.46
N ALA A 79 3.03 -1.36 -30.53
CA ALA A 79 1.62 -1.05 -30.72
C ALA A 79 1.31 -0.26 -32.00
N LYS A 80 2.13 0.76 -32.26
CA LYS A 80 2.00 1.63 -33.41
C LYS A 80 2.28 0.88 -34.72
N SER A 81 3.32 0.05 -34.73
CA SER A 81 3.59 -0.81 -35.88
C SER A 81 2.41 -1.73 -36.17
N LEU A 82 1.76 -2.23 -35.13
CA LEU A 82 0.72 -3.24 -35.33
C LEU A 82 -0.66 -2.64 -35.46
N GLY A 83 -0.75 -1.32 -35.40
CA GLY A 83 -2.05 -0.67 -35.43
C GLY A 83 -2.90 -0.74 -34.16
N ALA A 84 -2.28 -1.00 -32.99
CA ALA A 84 -3.06 -1.11 -31.74
C ALA A 84 -3.25 0.26 -31.08
N ASN A 85 -4.46 0.55 -30.63
CA ASN A 85 -4.75 1.80 -29.93
C ASN A 85 -4.81 1.65 -28.42
N PHE A 86 -4.78 0.41 -27.97
CA PHE A 86 -4.92 0.11 -26.56
C PHE A 86 -3.85 -0.88 -26.13
N LEU A 87 -3.38 -0.68 -24.91
CA LEU A 87 -2.47 -1.58 -24.23
C LEU A 87 -3.28 -2.21 -23.13
N ILE A 88 -3.25 -3.53 -23.01
CA ILE A 88 -3.96 -4.21 -21.95
C ILE A 88 -2.96 -4.64 -20.88
N ARG A 89 -3.21 -4.28 -19.62
CA ARG A 89 -2.39 -4.72 -18.49
C ARG A 89 -3.25 -5.33 -17.39
N GLY A 90 -2.63 -6.20 -16.60
CA GLY A 90 -3.28 -6.77 -15.44
C GLY A 90 -2.66 -6.26 -14.15
N ILE A 91 -3.46 -6.22 -13.09
CA ILE A 91 -3.01 -5.82 -11.77
C ILE A 91 -3.39 -6.93 -10.79
N ARG A 92 -2.42 -7.56 -10.16
CA ARG A 92 -2.79 -8.55 -9.14
C ARG A 92 -2.66 -8.07 -7.69
N ASN A 93 -1.99 -6.94 -7.49
CA ASN A 93 -1.76 -6.42 -6.15
C ASN A 93 -1.21 -4.98 -6.19
N VAL A 94 -0.92 -4.42 -5.02
CA VAL A 94 -0.44 -3.03 -4.94
C VAL A 94 0.86 -2.84 -5.71
N LYS A 95 1.77 -3.78 -5.56
CA LYS A 95 3.05 -3.73 -6.23
C LYS A 95 2.89 -3.63 -7.76
N ASP A 96 2.01 -4.44 -8.35
CA ASP A 96 1.70 -4.34 -9.77
C ASP A 96 1.10 -2.99 -10.09
N TYR A 97 0.16 -2.56 -9.25
CA TYR A 97 -0.53 -1.29 -9.51
C TYR A 97 0.46 -0.14 -9.65
N GLU A 98 1.40 -0.05 -8.70
CA GLU A 98 2.38 1.05 -8.70
C GLU A 98 3.39 0.94 -9.84
N TYR A 99 3.79 -0.29 -10.14
CA TYR A 99 4.66 -0.54 -11.27
C TYR A 99 3.96 -0.22 -12.60
N GLU A 100 2.77 -0.81 -12.81
CA GLU A 100 2.00 -0.54 -14.03
C GLU A 100 1.65 0.95 -14.19
N LYS A 101 1.39 1.66 -13.09
CA LYS A 101 1.01 3.06 -13.21
C LYS A 101 2.15 3.92 -13.77
N ASP A 102 3.36 3.71 -13.26
CA ASP A 102 4.54 4.38 -13.79
C ASP A 102 4.75 4.08 -15.28
N ILE A 103 4.66 2.81 -15.64
CA ILE A 103 4.81 2.40 -17.04
C ILE A 103 3.74 3.05 -17.93
N ALA A 104 2.51 3.05 -17.44
CA ALA A 104 1.41 3.67 -18.18
C ALA A 104 1.63 5.17 -18.38
N LYS A 105 2.13 5.85 -17.35
CA LYS A 105 2.36 7.29 -17.48
C LYS A 105 3.47 7.60 -18.47
N MET A 106 4.55 6.81 -18.41
CA MET A 106 5.62 6.91 -19.39
C MET A 106 5.10 6.62 -20.80
N ASN A 107 4.27 5.60 -20.94
CA ASN A 107 3.75 5.32 -22.28
C ASN A 107 2.86 6.44 -22.76
N GLN A 108 2.16 7.06 -21.81
CA GLN A 108 1.33 8.20 -22.14
C GLN A 108 2.19 9.38 -22.62
N HIS A 109 3.37 9.54 -22.03
CA HIS A 109 4.29 10.58 -22.50
C HIS A 109 4.81 10.28 -23.92
N LEU A 110 5.12 9.01 -24.18
CA LEU A 110 5.69 8.60 -25.45
C LEU A 110 4.63 8.56 -26.55
N ALA A 111 3.42 8.16 -26.19
CA ALA A 111 2.33 8.02 -27.16
C ALA A 111 0.99 8.36 -26.53
N PRO A 112 0.67 9.66 -26.44
CA PRO A 112 -0.56 10.18 -25.82
C PRO A 112 -1.82 9.59 -26.45
N GLU A 113 -1.72 9.13 -27.70
CA GLU A 113 -2.90 8.66 -28.40
C GLU A 113 -3.20 7.18 -28.12
N ILE A 114 -2.27 6.52 -27.44
CA ILE A 114 -2.48 5.14 -27.04
C ILE A 114 -2.97 5.04 -25.59
N GLU A 115 -4.04 4.27 -25.39
CA GLU A 115 -4.67 4.18 -24.07
C GLU A 115 -4.30 2.86 -23.39
N THR A 116 -3.85 2.94 -22.14
CA THR A 116 -3.59 1.73 -21.36
C THR A 116 -4.85 1.36 -20.56
N VAL A 117 -5.27 0.11 -20.68
CA VAL A 117 -6.48 -0.34 -20.07
C VAL A 117 -6.15 -1.45 -19.10
N PHE A 118 -6.80 -1.42 -17.94
CA PHE A 118 -6.46 -2.33 -16.85
C PHE A 118 -7.57 -3.30 -16.47
N LEU A 119 -7.18 -4.54 -16.25
CA LEU A 119 -8.03 -5.60 -15.74
C LEU A 119 -7.41 -6.12 -14.44
N LEU A 120 -8.25 -6.35 -13.44
CA LEU A 120 -7.80 -6.88 -12.16
C LEU A 120 -7.74 -8.39 -12.23
N ALA A 121 -6.72 -8.97 -11.60
CA ALA A 121 -6.54 -10.42 -11.63
C ALA A 121 -7.77 -11.09 -11.06
N GLU A 122 -8.18 -12.17 -11.68
CA GLU A 122 -9.26 -12.95 -11.11
C GLU A 122 -8.66 -13.69 -9.93
N GLU A 123 -9.32 -13.62 -8.79
CA GLU A 123 -8.65 -13.90 -7.52
C GLU A 123 -7.92 -15.26 -7.42
N PRO A 124 -8.45 -16.30 -8.11
CA PRO A 124 -7.76 -17.61 -8.21
C PRO A 124 -6.33 -17.53 -8.77
N TYR A 125 -6.03 -16.52 -9.57
CA TYR A 125 -4.69 -16.38 -10.13
C TYR A 125 -3.93 -15.15 -9.61
N ALA A 126 -4.44 -14.50 -8.57
CA ALA A 126 -3.86 -13.23 -8.13
C ALA A 126 -2.43 -13.40 -7.64
N HIS A 127 -2.11 -14.59 -7.15
CA HIS A 127 -0.76 -14.87 -6.64
C HIS A 127 0.14 -15.45 -7.73
N VAL A 128 -0.42 -15.68 -8.91
CA VAL A 128 0.32 -16.37 -9.97
C VAL A 128 1.13 -15.41 -10.85
N SER A 129 2.39 -15.76 -11.02
CA SER A 129 3.26 -15.13 -12.00
C SER A 129 4.14 -16.25 -12.54
N SER A 130 4.78 -16.02 -13.68
CA SER A 130 5.63 -17.05 -14.27
C SER A 130 6.80 -17.40 -13.36
N SER A 131 7.35 -16.39 -12.68
CA SER A 131 8.53 -16.59 -11.85
C SER A 131 8.24 -17.27 -10.50
N LEU A 132 6.99 -17.25 -10.05
CA LEU A 132 6.64 -18.08 -8.89
C LEU A 132 6.40 -19.49 -9.38
N LEU A 133 5.76 -19.61 -10.55
CA LEU A 133 5.51 -20.92 -11.16
C LEU A 133 6.82 -21.66 -11.47
N LYS A 134 7.77 -20.97 -12.10
CA LYS A 134 9.05 -21.56 -12.46
C LYS A 134 9.69 -22.17 -11.22
N GLU A 135 9.90 -21.34 -10.21
CA GLU A 135 10.46 -21.77 -8.95
C GLU A 135 9.75 -22.99 -8.38
N VAL A 136 8.42 -22.99 -8.41
CA VAL A 136 7.71 -24.17 -7.91
C VAL A 136 7.98 -25.39 -8.80
N LEU A 137 8.01 -25.18 -10.11
CA LEU A 137 8.35 -26.25 -11.06
C LEU A 137 9.76 -26.79 -10.87
N ARG A 138 10.72 -25.89 -10.69
CA ARG A 138 12.08 -26.27 -10.38
C ARG A 138 12.17 -27.34 -9.31
N PHE A 139 11.20 -27.38 -8.41
CA PHE A 139 11.25 -28.31 -7.28
C PHE A 139 10.18 -29.38 -7.34
N GLY A 140 9.53 -29.50 -8.49
CA GLY A 140 8.55 -30.57 -8.65
C GLY A 140 7.16 -30.27 -8.13
N GLY A 141 6.90 -29.04 -7.71
CA GLY A 141 5.58 -28.70 -7.23
C GLY A 141 4.55 -28.85 -8.33
N ASP A 142 3.35 -29.33 -7.96
CA ASP A 142 2.28 -29.43 -8.93
C ASP A 142 1.48 -28.11 -9.11
N VAL A 143 1.76 -27.42 -10.20
CA VAL A 143 1.07 -26.18 -10.55
C VAL A 143 0.28 -26.32 -11.84
N SER A 144 -0.09 -27.55 -12.18
CA SER A 144 -0.85 -27.80 -13.38
C SER A 144 -2.16 -27.01 -13.39
N ASP A 145 -2.72 -26.72 -12.22
CA ASP A 145 -3.94 -25.90 -12.15
C ASP A 145 -3.71 -24.47 -12.66
N TYR A 146 -2.45 -24.05 -12.80
CA TYR A 146 -2.14 -22.67 -13.12
C TYR A 146 -1.63 -22.45 -14.55
N LEU A 147 -1.52 -23.53 -15.32
CA LEU A 147 -1.04 -23.44 -16.69
C LEU A 147 -2.01 -24.06 -17.69
N PRO A 148 -2.10 -23.49 -18.88
CA PRO A 148 -2.82 -24.18 -19.94
C PRO A 148 -2.20 -25.59 -20.12
N PRO A 149 -3.05 -26.63 -20.17
CA PRO A 149 -2.57 -28.02 -20.27
C PRO A 149 -1.51 -28.23 -21.36
N ASN A 150 -1.64 -27.58 -22.52
CA ASN A 150 -0.63 -27.78 -23.56
C ASN A 150 0.72 -27.26 -23.11
N ILE A 151 0.70 -26.16 -22.37
CA ILE A 151 1.95 -25.56 -21.91
C ILE A 151 2.57 -26.34 -20.77
N TYR A 152 1.73 -26.87 -19.89
CA TYR A 152 2.23 -27.68 -18.80
C TYR A 152 2.91 -28.95 -19.31
N HIS A 153 2.31 -29.59 -20.32
CA HIS A 153 2.93 -30.76 -20.95
C HIS A 153 4.29 -30.39 -21.50
N ALA A 154 4.31 -29.35 -22.34
CA ALA A 154 5.55 -28.90 -22.95
C ALA A 154 6.61 -28.66 -21.87
N LEU A 155 6.18 -28.10 -20.75
CA LEU A 155 7.10 -27.75 -19.67
C LEU A 155 7.77 -28.99 -19.09
N LYS A 156 6.98 -30.01 -18.81
CA LYS A 156 7.53 -31.26 -18.30
C LYS A 156 8.61 -31.79 -19.25
N GLN A 157 8.25 -31.94 -20.51
CA GLN A 157 9.16 -32.47 -21.52
C GLN A 157 10.60 -32.00 -21.31
N LYS A 158 10.79 -30.69 -21.27
CA LYS A 158 12.13 -30.13 -21.12
C LYS A 158 12.53 -30.03 -19.65
N MET B 1 -21.50 -7.35 -31.72
CA MET B 1 -22.46 -6.30 -31.36
C MET B 1 -21.80 -5.18 -30.58
N ARG B 2 -22.56 -4.10 -30.38
CA ARG B 2 -22.20 -3.00 -29.51
C ARG B 2 -21.57 -3.45 -28.19
N LYS B 3 -20.47 -2.81 -27.82
CA LYS B 3 -19.91 -2.96 -26.46
C LYS B 3 -20.35 -1.74 -25.65
N ILE B 4 -21.18 -1.99 -24.64
CA ILE B 4 -21.80 -0.93 -23.86
C ILE B 4 -21.33 -0.93 -22.41
N ALA B 5 -20.86 0.22 -21.95
CA ALA B 5 -20.35 0.34 -20.59
C ALA B 5 -21.24 1.24 -19.73
N LEU B 6 -21.49 0.83 -18.49
CA LEU B 6 -22.12 1.70 -17.50
C LEU B 6 -21.00 2.32 -16.61
N PHE B 7 -21.07 3.62 -16.34
CA PHE B 7 -20.09 4.30 -15.51
C PHE B 7 -20.81 4.82 -14.29
N PRO B 8 -20.91 3.99 -13.25
CA PRO B 8 -21.67 4.35 -12.04
C PRO B 8 -20.87 5.34 -11.20
N GLY B 9 -21.58 6.18 -10.47
CA GLY B 9 -20.94 7.20 -9.69
C GLY B 9 -21.95 8.06 -8.93
N SER B 10 -21.45 8.72 -7.90
CA SER B 10 -22.25 9.66 -7.13
C SER B 10 -22.34 11.00 -7.88
N PHE B 11 -21.24 11.41 -8.50
CA PHE B 11 -21.18 12.67 -9.24
C PHE B 11 -21.82 13.89 -8.55
N ASP B 12 -21.45 14.19 -7.31
CA ASP B 12 -21.91 15.45 -6.71
C ASP B 12 -20.77 16.32 -6.19
N PRO B 13 -20.21 17.14 -7.09
CA PRO B 13 -20.63 17.18 -8.48
C PRO B 13 -19.69 16.34 -9.35
N MET B 14 -20.04 16.18 -10.61
CA MET B 14 -19.10 15.66 -11.59
C MET B 14 -17.88 16.59 -11.67
N THR B 15 -16.70 16.00 -11.71
CA THR B 15 -15.46 16.76 -11.81
C THR B 15 -14.77 16.52 -13.16
N ASN B 16 -13.75 17.31 -13.43
CA ASN B 16 -12.91 17.06 -14.61
C ASN B 16 -12.27 15.68 -14.63
N GLY B 17 -12.12 15.08 -13.45
CA GLY B 17 -11.61 13.73 -13.33
C GLY B 17 -12.59 12.70 -13.88
N HIS B 18 -13.85 12.82 -13.52
CA HIS B 18 -14.90 11.96 -14.09
C HIS B 18 -14.95 12.15 -15.60
N LEU B 19 -14.89 13.42 -16.02
CA LEU B 19 -15.08 13.80 -17.41
C LEU B 19 -13.94 13.19 -18.22
N ASN B 20 -12.74 13.26 -17.65
CA ASN B 20 -11.57 12.65 -18.27
C ASN B 20 -11.76 11.15 -18.48
N LEU B 21 -12.35 10.45 -17.51
CA LEU B 21 -12.60 9.01 -17.69
C LEU B 21 -13.66 8.78 -18.78
N ILE B 22 -14.66 9.64 -18.77
CA ILE B 22 -15.76 9.54 -19.72
C ILE B 22 -15.24 9.75 -21.15
N GLU B 23 -14.42 10.79 -21.35
CA GLU B 23 -13.78 11.02 -22.64
C GLU B 23 -12.92 9.84 -23.10
N ARG B 24 -12.14 9.26 -22.20
CA ARG B 24 -11.29 8.12 -22.56
C ARG B 24 -12.14 6.88 -22.81
N SER B 25 -13.15 6.66 -21.99
CA SER B 25 -14.07 5.54 -22.15
C SER B 25 -14.82 5.61 -23.49
N ALA B 26 -15.19 6.83 -23.90
CA ALA B 26 -15.97 7.03 -25.12
C ALA B 26 -15.20 6.55 -26.34
N LYS B 27 -13.88 6.43 -26.22
CA LYS B 27 -13.04 5.89 -27.29
C LYS B 27 -12.91 4.36 -27.23
N LEU B 28 -13.23 3.77 -26.09
CA LEU B 28 -13.03 2.34 -25.86
C LEU B 28 -14.30 1.57 -26.14
N PHE B 29 -15.44 2.09 -25.70
CA PHE B 29 -16.72 1.41 -25.84
C PHE B 29 -17.56 2.08 -26.94
N ASP B 30 -18.50 1.33 -27.49
CA ASP B 30 -19.44 1.89 -28.47
C ASP B 30 -20.38 2.87 -27.81
N GLU B 31 -20.74 2.60 -26.57
CA GLU B 31 -21.58 3.52 -25.82
C GLU B 31 -21.14 3.58 -24.38
N VAL B 32 -21.18 4.78 -23.82
CA VAL B 32 -20.95 4.91 -22.40
C VAL B 32 -22.19 5.47 -21.74
N ILE B 33 -22.70 4.75 -20.75
CA ILE B 33 -23.82 5.26 -20.00
C ILE B 33 -23.36 5.74 -18.63
N ILE B 34 -23.53 7.03 -18.37
CA ILE B 34 -23.23 7.60 -17.09
C ILE B 34 -24.39 7.38 -16.12
N GLY B 35 -24.17 6.59 -15.09
CA GLY B 35 -25.22 6.23 -14.18
C GLY B 35 -25.17 7.00 -12.88
N VAL B 36 -26.01 8.03 -12.76
CA VAL B 36 -26.12 8.78 -11.52
C VAL B 36 -26.90 7.99 -10.49
N PHE B 37 -26.17 7.25 -9.65
CA PHE B 37 -26.82 6.37 -8.69
C PHE B 37 -27.18 7.07 -7.39
N ILE B 38 -28.45 7.46 -7.30
CA ILE B 38 -28.98 8.18 -6.14
C ILE B 38 -29.96 7.31 -5.35
N LEU B 45 -24.72 17.22 -1.42
CA LEU B 45 -25.76 16.47 -2.11
C LEU B 45 -26.51 17.38 -3.10
N PHE B 46 -26.89 16.83 -4.24
CA PHE B 46 -27.44 17.63 -5.35
C PHE B 46 -28.87 17.28 -5.76
N THR B 47 -29.39 18.02 -6.73
CA THR B 47 -30.75 17.86 -7.24
C THR B 47 -30.80 17.16 -8.60
N PRO B 48 -30.93 15.83 -8.60
CA PRO B 48 -30.95 14.92 -9.76
C PRO B 48 -31.53 15.51 -11.06
N GLU B 49 -32.72 16.07 -11.01
CA GLU B 49 -33.33 16.66 -12.21
C GLU B 49 -32.32 17.52 -12.99
N GLU B 50 -31.39 18.14 -12.27
CA GLU B 50 -30.37 19.02 -12.84
C GLU B 50 -28.97 18.44 -12.61
N LYS B 51 -28.88 17.56 -11.63
CA LYS B 51 -27.68 16.76 -11.43
C LYS B 51 -27.40 15.99 -12.71
N LYS B 52 -28.48 15.60 -13.39
CA LYS B 52 -28.43 14.92 -14.68
C LYS B 52 -28.27 15.93 -15.80
N TYR B 53 -28.86 17.11 -15.59
CA TYR B 53 -28.79 18.16 -16.60
C TYR B 53 -27.36 18.68 -16.73
N LEU B 54 -26.73 18.91 -15.59
CA LEU B 54 -25.33 19.36 -15.54
C LEU B 54 -24.42 18.41 -16.32
N ILE B 55 -24.58 17.12 -16.06
CA ILE B 55 -23.75 16.12 -16.72
C ILE B 55 -24.03 16.09 -18.22
N GLU B 56 -25.30 16.13 -18.61
CA GLU B 56 -25.63 16.13 -20.03
C GLU B 56 -24.98 17.33 -20.71
N GLU B 57 -25.11 18.49 -20.10
CA GLU B 57 -24.49 19.69 -20.63
C GLU B 57 -23.00 19.50 -20.77
N ALA B 58 -22.37 18.94 -19.72
CA ALA B 58 -20.91 18.81 -19.69
C ALA B 58 -20.38 17.80 -20.70
N THR B 59 -21.23 16.88 -21.13
CA THR B 59 -20.81 15.80 -22.04
C THR B 59 -21.49 15.87 -23.41
N LYS B 60 -21.85 17.08 -23.85
CA LYS B 60 -22.66 17.22 -25.07
C LYS B 60 -21.90 16.95 -26.36
N GLU B 61 -20.59 17.18 -26.35
CA GLU B 61 -19.80 17.01 -27.56
C GLU B 61 -19.46 15.55 -27.86
N MET B 62 -20.01 14.63 -27.06
CA MET B 62 -19.73 13.22 -27.22
C MET B 62 -21.01 12.45 -27.52
N PRO B 63 -21.21 12.08 -28.80
CA PRO B 63 -22.44 11.46 -29.28
C PRO B 63 -22.74 10.09 -28.65
N ASN B 64 -21.71 9.32 -28.36
CA ASN B 64 -21.92 7.96 -27.84
C ASN B 64 -22.04 7.88 -26.32
N VAL B 65 -22.24 9.02 -25.68
CA VAL B 65 -22.40 9.07 -24.23
C VAL B 65 -23.76 9.60 -23.88
N ARG B 66 -24.41 9.00 -22.90
CA ARG B 66 -25.64 9.59 -22.37
C ARG B 66 -25.70 9.44 -20.86
N VAL B 67 -26.69 10.09 -20.26
CA VAL B 67 -26.80 10.11 -18.82
C VAL B 67 -28.11 9.50 -18.35
N ILE B 68 -28.02 8.77 -17.26
CA ILE B 68 -29.16 8.07 -16.73
C ILE B 68 -29.21 8.19 -15.23
N MET B 69 -30.41 8.43 -14.70
CA MET B 69 -30.66 8.30 -13.27
C MET B 69 -31.14 6.89 -13.00
N GLN B 70 -30.64 6.31 -11.94
CA GLN B 70 -31.08 5.00 -11.61
C GLN B 70 -31.57 4.97 -10.20
N GLU B 71 -32.82 4.56 -10.04
CA GLU B 71 -33.44 4.45 -8.72
C GLU B 71 -32.61 3.41 -8.03
N THR B 72 -32.38 3.53 -6.73
CA THR B 72 -31.38 2.71 -6.11
C THR B 72 -31.64 1.24 -6.28
N GLN B 73 -30.56 0.58 -6.66
CA GLN B 73 -30.54 -0.81 -6.97
C GLN B 73 -29.09 -1.18 -7.10
N LEU B 74 -28.83 -2.45 -7.24
CA LEU B 74 -27.51 -2.97 -7.53
C LEU B 74 -27.03 -2.40 -8.87
N THR B 75 -25.81 -1.90 -8.88
CA THR B 75 -25.15 -1.45 -10.11
C THR B 75 -25.27 -2.47 -11.26
N VAL B 76 -25.06 -3.75 -10.95
CA VAL B 76 -25.07 -4.78 -11.99
C VAL B 76 -26.47 -4.97 -12.58
N GLU B 77 -27.50 -4.82 -11.76
CA GLU B 77 -28.87 -5.01 -12.25
C GLU B 77 -29.23 -3.84 -13.16
N SER B 78 -28.70 -2.68 -12.82
CA SER B 78 -28.85 -1.51 -13.68
C SER B 78 -28.16 -1.80 -15.03
N ALA B 79 -26.94 -2.31 -14.99
CA ALA B 79 -26.19 -2.59 -16.21
C ALA B 79 -26.92 -3.63 -17.06
N LYS B 80 -27.38 -4.69 -16.43
CA LYS B 80 -28.03 -5.78 -17.14
C LYS B 80 -29.23 -5.26 -17.94
N SER B 81 -30.05 -4.48 -17.28
CA SER B 81 -31.29 -4.01 -17.89
C SER B 81 -31.01 -2.95 -18.95
N LEU B 82 -29.76 -2.53 -19.06
CA LEU B 82 -29.38 -1.55 -20.08
C LEU B 82 -28.62 -2.22 -21.21
N GLY B 83 -28.37 -3.51 -21.06
CA GLY B 83 -27.51 -4.20 -21.99
C GLY B 83 -26.03 -3.85 -21.89
N ALA B 84 -25.59 -3.31 -20.75
CA ALA B 84 -24.18 -2.99 -20.54
C ALA B 84 -23.43 -4.20 -19.99
N ASN B 85 -22.50 -4.75 -20.75
CA ASN B 85 -21.73 -5.90 -20.31
C ASN B 85 -20.41 -5.46 -19.64
N PHE B 86 -20.27 -4.16 -19.44
CA PHE B 86 -19.03 -3.60 -18.97
C PHE B 86 -19.32 -2.49 -17.97
N LEU B 87 -18.58 -2.54 -16.87
CA LEU B 87 -18.57 -1.49 -15.87
C LEU B 87 -17.26 -0.76 -16.05
N ILE B 88 -17.29 0.55 -16.09
CA ILE B 88 -16.02 1.23 -16.14
C ILE B 88 -15.75 2.03 -14.85
N ARG B 89 -14.53 1.90 -14.33
CA ARG B 89 -14.17 2.52 -13.05
C ARG B 89 -12.78 3.15 -13.15
N GLY B 90 -12.51 4.08 -12.24
CA GLY B 90 -11.23 4.75 -12.18
C GLY B 90 -10.52 4.47 -10.88
N ILE B 91 -9.19 4.55 -10.93
CA ILE B 91 -8.34 4.35 -9.75
C ILE B 91 -7.37 5.52 -9.68
N ARG B 92 -7.38 6.24 -8.56
CA ARG B 92 -6.43 7.34 -8.45
C ARG B 92 -5.28 7.05 -7.47
N ASN B 93 -5.44 5.98 -6.69
CA ASN B 93 -4.42 5.64 -5.68
C ASN B 93 -4.66 4.29 -5.03
N VAL B 94 -3.83 3.93 -4.05
CA VAL B 94 -3.95 2.58 -3.48
C VAL B 94 -5.30 2.36 -2.83
N LYS B 95 -5.78 3.38 -2.15
CA LYS B 95 -7.09 3.36 -1.50
C LYS B 95 -8.26 3.03 -2.46
N ASP B 96 -8.34 3.75 -3.58
CA ASP B 96 -9.31 3.42 -4.64
C ASP B 96 -9.14 1.99 -5.12
N TYR B 97 -7.90 1.61 -5.40
CA TYR B 97 -7.63 0.27 -5.89
C TYR B 97 -8.26 -0.81 -5.00
N GLU B 98 -8.02 -0.73 -3.69
CA GLU B 98 -8.49 -1.78 -2.78
C GLU B 98 -10.01 -1.75 -2.66
N TYR B 99 -10.56 -0.56 -2.68
CA TYR B 99 -11.99 -0.37 -2.59
C TYR B 99 -12.64 -0.88 -3.88
N GLU B 100 -12.13 -0.47 -5.04
CA GLU B 100 -12.73 -0.88 -6.32
C GLU B 100 -12.58 -2.39 -6.51
N LYS B 101 -11.47 -2.93 -6.00
CA LYS B 101 -11.22 -4.36 -6.14
C LYS B 101 -12.31 -5.20 -5.46
N ASP B 102 -12.63 -4.87 -4.21
CA ASP B 102 -13.69 -5.55 -3.49
C ASP B 102 -15.04 -5.42 -4.22
N ILE B 103 -15.39 -4.20 -4.63
CA ILE B 103 -16.64 -3.95 -5.33
C ILE B 103 -16.71 -4.82 -6.58
N ALA B 104 -15.60 -4.89 -7.30
CA ALA B 104 -15.59 -5.61 -8.57
C ALA B 104 -15.67 -7.12 -8.37
N LYS B 105 -15.12 -7.63 -7.27
CA LYS B 105 -15.25 -9.06 -6.98
C LYS B 105 -16.69 -9.35 -6.61
N MET B 106 -17.29 -8.50 -5.78
CA MET B 106 -18.67 -8.70 -5.39
C MET B 106 -19.53 -8.71 -6.68
N ASN B 107 -19.32 -7.70 -7.53
CA ASN B 107 -20.07 -7.61 -8.76
C ASN B 107 -19.85 -8.82 -9.64
N GLN B 108 -18.66 -9.39 -9.59
CA GLN B 108 -18.39 -10.57 -10.38
C GLN B 108 -19.18 -11.76 -9.85
N HIS B 109 -19.28 -11.84 -8.53
CA HIS B 109 -20.08 -12.89 -7.92
C HIS B 109 -21.57 -12.70 -8.28
N LEU B 110 -22.02 -11.46 -8.31
CA LEU B 110 -23.41 -11.14 -8.58
C LEU B 110 -23.79 -11.27 -10.06
N ALA B 111 -22.86 -10.95 -10.96
CA ALA B 111 -23.11 -11.00 -12.40
C ALA B 111 -21.83 -11.31 -13.15
N PRO B 112 -21.48 -12.60 -13.23
CA PRO B 112 -20.24 -13.10 -13.81
C PRO B 112 -20.06 -12.70 -15.27
N GLU B 113 -21.16 -12.40 -15.98
CA GLU B 113 -21.06 -12.01 -17.39
C GLU B 113 -20.64 -10.55 -17.56
N ILE B 114 -20.63 -9.80 -16.47
CA ILE B 114 -20.25 -8.41 -16.59
C ILE B 114 -18.77 -8.20 -16.22
N GLU B 115 -18.01 -7.56 -17.09
CA GLU B 115 -16.60 -7.27 -16.81
C GLU B 115 -16.40 -5.86 -16.27
N THR B 116 -15.68 -5.73 -15.16
CA THR B 116 -15.27 -4.41 -14.68
C THR B 116 -13.94 -4.04 -15.31
N VAL B 117 -13.88 -2.87 -15.92
CA VAL B 117 -12.70 -2.41 -16.64
C VAL B 117 -12.14 -1.17 -15.96
N PHE B 118 -10.83 -1.09 -15.83
CA PHE B 118 -10.24 0.03 -15.11
C PHE B 118 -9.40 0.98 -15.95
N LEU B 119 -9.56 2.27 -15.67
CA LEU B 119 -8.65 3.30 -16.18
C LEU B 119 -7.99 4.01 -14.98
N LEU B 120 -6.70 4.32 -15.10
CA LEU B 120 -5.98 5.07 -14.08
C LEU B 120 -6.19 6.57 -14.30
N ALA B 121 -6.30 7.31 -13.21
CA ALA B 121 -6.42 8.77 -13.25
C ALA B 121 -5.25 9.35 -14.02
N GLU B 122 -5.54 10.36 -14.84
CA GLU B 122 -4.49 11.17 -15.44
C GLU B 122 -3.96 12.07 -14.34
N GLU B 123 -2.64 12.18 -14.27
CA GLU B 123 -1.98 12.76 -13.10
C GLU B 123 -2.49 14.13 -12.66
N PRO B 124 -2.88 15.00 -13.62
CA PRO B 124 -3.46 16.31 -13.26
C PRO B 124 -4.59 16.17 -12.25
N TYR B 125 -5.33 15.06 -12.34
CA TYR B 125 -6.54 14.89 -11.54
C TYR B 125 -6.47 13.80 -10.47
N ALA B 126 -5.31 13.19 -10.26
CA ALA B 126 -5.24 12.03 -9.38
C ALA B 126 -5.66 12.35 -7.94
N HIS B 127 -5.50 13.60 -7.55
CA HIS B 127 -5.85 14.03 -6.20
C HIS B 127 -7.29 14.57 -6.12
N VAL B 128 -7.94 14.72 -7.26
CA VAL B 128 -9.29 15.29 -7.29
C VAL B 128 -10.40 14.29 -6.93
N SER B 129 -11.26 14.70 -6.00
CA SER B 129 -12.49 13.99 -5.69
C SER B 129 -13.50 15.07 -5.35
N SER B 130 -14.78 14.75 -5.49
CA SER B 130 -15.83 15.72 -5.21
C SER B 130 -15.79 16.15 -3.74
N SER B 131 -15.44 15.22 -2.86
CA SER B 131 -15.44 15.53 -1.44
C SER B 131 -14.34 16.54 -1.07
N LEU B 132 -13.17 16.39 -1.68
CA LEU B 132 -12.09 17.33 -1.45
C LEU B 132 -12.42 18.69 -2.07
N LEU B 133 -13.02 18.64 -3.25
CA LEU B 133 -13.40 19.85 -3.98
C LEU B 133 -14.45 20.65 -3.20
N LYS B 134 -15.43 19.95 -2.64
CA LYS B 134 -16.48 20.60 -1.88
C LYS B 134 -15.92 21.25 -0.63
N GLU B 135 -14.93 20.61 -0.01
CA GLU B 135 -14.26 21.16 1.16
C GLU B 135 -13.49 22.45 0.83
N VAL B 136 -12.79 22.47 -0.30
CA VAL B 136 -12.06 23.66 -0.71
C VAL B 136 -13.00 24.83 -1.05
N LEU B 137 -14.12 24.51 -1.69
CA LEU B 137 -15.05 25.56 -2.10
C LEU B 137 -15.76 26.14 -0.88
N ARG B 138 -16.09 25.27 0.07
CA ARG B 138 -16.74 25.67 1.30
C ARG B 138 -15.90 26.71 2.06
N PHE B 139 -14.68 26.95 1.58
CA PHE B 139 -13.78 27.90 2.23
C PHE B 139 -13.32 28.96 1.24
N GLY B 140 -13.91 28.97 0.07
CA GLY B 140 -13.61 30.01 -0.91
C GLY B 140 -12.48 29.73 -1.86
N GLY B 141 -11.83 28.57 -1.71
CA GLY B 141 -10.70 28.25 -2.55
C GLY B 141 -11.08 28.12 -4.01
N ASP B 142 -10.19 28.55 -4.90
CA ASP B 142 -10.44 28.47 -6.32
C ASP B 142 -10.16 27.07 -6.90
N VAL B 143 -11.22 26.30 -7.17
CA VAL B 143 -11.06 24.99 -7.81
C VAL B 143 -11.74 24.90 -9.20
N SER B 144 -11.72 26.01 -9.93
CA SER B 144 -12.40 26.07 -11.23
C SER B 144 -11.72 25.18 -12.26
N ASP B 145 -10.40 25.06 -12.15
CA ASP B 145 -9.66 24.22 -13.10
C ASP B 145 -9.97 22.73 -12.98
N TYR B 146 -10.73 22.36 -11.94
CA TYR B 146 -11.04 20.96 -11.71
C TYR B 146 -12.50 20.64 -11.98
N LEU B 147 -13.26 21.63 -12.43
CA LEU B 147 -14.67 21.43 -12.69
C LEU B 147 -15.01 21.84 -14.13
N PRO B 148 -15.97 21.16 -14.75
CA PRO B 148 -16.54 21.63 -16.01
C PRO B 148 -17.18 23.00 -15.79
N PRO B 149 -16.87 23.96 -16.67
CA PRO B 149 -17.36 25.34 -16.55
C PRO B 149 -18.82 25.45 -16.12
N ASN B 150 -19.71 24.71 -16.77
CA ASN B 150 -21.12 24.77 -16.43
C ASN B 150 -21.37 24.34 -14.99
N ILE B 151 -20.72 23.25 -14.57
CA ILE B 151 -20.89 22.75 -13.21
C ILE B 151 -20.28 23.71 -12.20
N TYR B 152 -19.23 24.42 -12.61
CA TYR B 152 -18.63 25.40 -11.74
C TYR B 152 -19.58 26.58 -11.55
N HIS B 153 -20.15 27.05 -12.65
CA HIS B 153 -21.20 28.06 -12.63
C HIS B 153 -22.24 27.69 -11.58
N ALA B 154 -22.78 26.49 -11.71
CA ALA B 154 -23.89 26.05 -10.87
C ALA B 154 -23.48 25.81 -9.42
N LEU B 155 -22.24 25.43 -9.23
CA LEU B 155 -21.75 25.11 -7.90
C LEU B 155 -21.66 26.38 -7.06
N LYS B 156 -21.59 27.51 -7.74
CA LYS B 156 -21.44 28.80 -7.08
C LYS B 156 -22.71 29.19 -6.33
N GLN B 157 -23.85 28.83 -6.90
CA GLN B 157 -25.14 29.19 -6.33
C GLN B 157 -25.38 28.49 -4.98
N LYS B 158 -24.58 27.49 -4.69
CA LYS B 158 -24.65 26.81 -3.39
C LYS B 158 -23.72 27.48 -2.36
N MET C 1 21.52 27.13 15.54
CA MET C 1 21.65 26.08 14.53
C MET C 1 21.47 26.66 13.13
N ARG C 2 22.40 26.31 12.24
CA ARG C 2 22.26 26.58 10.81
C ARG C 2 21.89 25.26 10.12
N LYS C 3 21.09 25.36 9.06
CA LYS C 3 20.47 24.18 8.47
C LYS C 3 21.16 23.76 7.20
N ILE C 4 21.97 22.71 7.29
CA ILE C 4 22.61 22.22 6.08
C ILE C 4 22.21 20.75 5.78
N ALA C 5 21.78 20.52 4.55
CA ALA C 5 21.20 19.24 4.18
C ALA C 5 22.04 18.52 3.15
N LEU C 6 22.22 17.23 3.35
CA LEU C 6 22.82 16.36 2.35
C LEU C 6 21.71 15.63 1.52
N PHE C 7 21.88 15.59 0.20
CA PHE C 7 20.94 14.91 -0.68
C PHE C 7 21.64 13.75 -1.37
N PRO C 8 21.66 12.58 -0.70
CA PRO C 8 22.37 11.39 -1.20
C PRO C 8 21.58 10.79 -2.36
N GLY C 9 22.29 10.23 -3.33
CA GLY C 9 21.66 9.59 -4.48
C GLY C 9 22.70 9.04 -5.43
N SER C 10 22.25 8.32 -6.45
CA SER C 10 23.14 7.73 -7.44
C SER C 10 23.35 8.67 -8.60
N PHE C 11 22.26 9.33 -9.00
CA PHE C 11 22.28 10.32 -10.08
C PHE C 11 22.96 9.83 -11.38
N ASP C 12 22.61 8.63 -11.82
CA ASP C 12 23.03 8.18 -13.16
C ASP C 12 21.82 7.82 -14.02
N PRO C 13 21.25 8.81 -14.72
CA PRO C 13 21.69 10.20 -14.61
C PRO C 13 20.77 10.96 -13.66
N MET C 14 21.15 12.19 -13.30
CA MET C 14 20.25 13.08 -12.58
C MET C 14 19.09 13.44 -13.48
N THR C 15 17.88 13.38 -12.94
CA THR C 15 16.71 13.72 -13.73
C THR C 15 16.12 15.06 -13.27
N ASN C 16 15.15 15.56 -14.03
CA ASN C 16 14.35 16.69 -13.61
C ASN C 16 13.64 16.41 -12.29
N GLY C 17 13.50 15.13 -11.95
CA GLY C 17 12.95 14.74 -10.67
C GLY C 17 13.87 15.15 -9.52
N HIS C 18 15.15 14.79 -9.63
CA HIS C 18 16.15 15.21 -8.67
C HIS C 18 16.24 16.72 -8.62
N LEU C 19 16.38 17.34 -9.78
CA LEU C 19 16.49 18.79 -9.86
C LEU C 19 15.35 19.43 -9.09
N ASN C 20 14.14 18.92 -9.32
CA ASN C 20 12.96 19.44 -8.65
C ASN C 20 13.11 19.42 -7.13
N LEU C 21 13.65 18.34 -6.57
CA LEU C 21 13.81 18.26 -5.13
C LEU C 21 14.88 19.25 -4.67
N ILE C 22 15.91 19.46 -5.48
CA ILE C 22 17.00 20.33 -5.13
C ILE C 22 16.53 21.79 -5.06
N GLU C 23 15.84 22.23 -6.10
CA GLU C 23 15.25 23.57 -6.13
C GLU C 23 14.37 23.83 -4.91
N ARG C 24 13.50 22.88 -4.59
CA ARG C 24 12.57 23.05 -3.49
C ARG C 24 13.30 23.07 -2.15
N SER C 25 14.26 22.17 -1.95
CA SER C 25 14.95 22.16 -0.67
C SER C 25 15.98 23.29 -0.54
N ALA C 26 16.45 23.83 -1.66
CA ALA C 26 17.32 24.99 -1.63
C ALA C 26 16.59 26.17 -0.99
N LYS C 27 15.26 26.15 -1.03
CA LYS C 27 14.47 27.21 -0.43
C LYS C 27 14.25 26.95 1.05
N LEU C 28 14.58 25.74 1.50
CA LEU C 28 14.31 25.37 2.89
C LEU C 28 15.58 25.36 3.70
N PHE C 29 16.68 25.03 3.04
CA PHE C 29 17.95 24.91 3.74
C PHE C 29 18.90 26.05 3.37
N ASP C 30 19.74 26.43 4.32
CA ASP C 30 20.83 27.36 4.03
C ASP C 30 21.75 26.77 2.98
N GLU C 31 22.08 25.49 3.13
CA GLU C 31 22.91 24.81 2.12
C GLU C 31 22.38 23.41 1.77
N VAL C 32 22.42 23.09 0.48
CA VAL C 32 22.07 21.76 0.02
C VAL C 32 23.28 21.14 -0.62
N ILE C 33 23.75 20.04 -0.03
CA ILE C 33 24.87 19.31 -0.58
C ILE C 33 24.42 18.07 -1.35
N ILE C 34 24.62 18.09 -2.67
CA ILE C 34 24.32 16.93 -3.50
C ILE C 34 25.46 15.92 -3.34
N GLY C 35 25.17 14.80 -2.68
CA GLY C 35 26.16 13.76 -2.47
C GLY C 35 26.09 12.65 -3.52
N VAL C 36 26.97 12.71 -4.50
CA VAL C 36 27.07 11.69 -5.52
C VAL C 36 27.89 10.51 -5.02
N PHE C 37 27.21 9.45 -4.61
CA PHE C 37 27.90 8.27 -4.10
C PHE C 37 28.28 7.31 -5.23
N ILE C 38 29.53 7.35 -5.65
CA ILE C 38 30.01 6.52 -6.76
C ILE C 38 30.34 5.09 -6.32
N LEU C 45 26.07 3.01 -14.73
CA LEU C 45 27.49 3.36 -14.76
C LEU C 45 27.72 4.76 -15.32
N PHE C 46 28.45 5.58 -14.56
CA PHE C 46 28.87 6.90 -15.00
C PHE C 46 30.13 7.31 -14.25
N THR C 47 30.88 8.21 -14.85
CA THR C 47 32.12 8.71 -14.31
C THR C 47 31.83 9.85 -13.39
N PRO C 48 32.49 9.87 -12.24
CA PRO C 48 32.30 10.90 -11.24
C PRO C 48 32.66 12.31 -11.70
N GLU C 49 33.76 12.49 -12.41
CA GLU C 49 34.13 13.85 -12.81
C GLU C 49 33.04 14.42 -13.69
N GLU C 50 32.52 13.54 -14.50
CA GLU C 50 31.37 13.71 -15.38
C GLU C 50 30.13 14.02 -14.55
N LYS C 51 29.72 13.04 -13.75
CA LYS C 51 28.61 13.23 -12.83
C LYS C 51 28.67 14.60 -12.17
N LYS C 52 29.78 14.90 -11.51
CA LYS C 52 29.94 16.17 -10.80
C LYS C 52 29.78 17.37 -11.72
N TYR C 53 30.50 17.38 -12.84
CA TYR C 53 30.43 18.51 -13.75
C TYR C 53 29.01 18.67 -14.30
N LEU C 54 28.38 17.56 -14.63
CA LEU C 54 27.02 17.57 -15.18
C LEU C 54 26.03 18.10 -14.16
N ILE C 55 26.13 17.60 -12.94
CA ILE C 55 25.28 18.05 -11.85
C ILE C 55 25.55 19.50 -11.48
N GLU C 56 26.83 19.86 -11.33
CA GLU C 56 27.19 21.24 -11.01
C GLU C 56 26.67 22.21 -12.06
N GLU C 57 26.77 21.82 -13.33
CA GLU C 57 26.26 22.65 -14.43
C GLU C 57 24.73 22.73 -14.45
N ALA C 58 24.06 21.66 -14.04
CA ALA C 58 22.59 21.64 -14.05
C ALA C 58 22.05 22.43 -12.87
N THR C 59 22.91 22.68 -11.90
CA THR C 59 22.54 23.41 -10.71
C THR C 59 23.39 24.68 -10.55
N LYS C 60 23.88 25.19 -11.67
CA LYS C 60 24.80 26.34 -11.66
C LYS C 60 24.22 27.55 -10.90
N GLU C 61 23.02 27.99 -11.29
CA GLU C 61 22.48 29.22 -10.71
C GLU C 61 21.68 29.04 -9.42
N MET C 62 22.12 28.13 -8.57
CA MET C 62 21.64 28.08 -7.19
C MET C 62 22.84 28.22 -6.28
N PRO C 63 22.90 29.36 -5.58
CA PRO C 63 24.04 29.77 -4.74
C PRO C 63 24.29 28.79 -3.61
N ASN C 64 23.23 28.40 -2.90
CA ASN C 64 23.37 27.53 -1.74
C ASN C 64 23.39 26.04 -2.08
N VAL C 65 23.63 25.71 -3.34
CA VAL C 65 23.76 24.32 -3.76
C VAL C 65 25.18 23.92 -4.13
N ARG C 66 25.64 22.83 -3.54
CA ARG C 66 27.00 22.36 -3.65
C ARG C 66 27.02 20.88 -4.08
N VAL C 67 27.96 20.53 -4.95
CA VAL C 67 28.08 19.14 -5.39
C VAL C 67 29.33 18.47 -4.84
N ILE C 68 29.16 17.23 -4.40
CA ILE C 68 30.22 16.45 -3.80
C ILE C 68 29.99 14.98 -4.11
N MET C 69 31.06 14.22 -4.14
CA MET C 69 30.93 12.81 -4.32
C MET C 69 31.63 12.18 -3.18
N GLN C 70 31.12 11.06 -2.76
CA GLN C 70 31.65 10.43 -1.59
C GLN C 70 32.25 9.11 -1.92
N GLU C 71 33.44 8.85 -1.42
CA GLU C 71 33.97 7.54 -1.62
C GLU C 71 32.83 6.97 -0.82
N THR C 72 32.24 5.88 -1.26
CA THR C 72 31.08 5.44 -0.53
C THR C 72 31.41 5.00 0.90
N GLN C 73 30.53 5.38 1.83
CA GLN C 73 30.64 5.14 3.25
C GLN C 73 29.24 5.33 3.81
N LEU C 74 29.00 5.09 5.10
CA LEU C 74 27.69 5.29 5.61
C LEU C 74 27.25 6.74 5.39
N THR C 75 26.08 6.91 4.82
CA THR C 75 25.49 8.23 4.55
C THR C 75 25.56 9.18 5.75
N VAL C 76 25.26 8.68 6.95
CA VAL C 76 25.20 9.53 8.13
C VAL C 76 26.60 9.91 8.59
N GLU C 77 27.60 9.15 8.15
CA GLU C 77 29.00 9.49 8.44
C GLU C 77 29.44 10.61 7.51
N SER C 78 29.10 10.48 6.23
CA SER C 78 29.40 11.52 5.24
C SER C 78 28.70 12.85 5.58
N ALA C 79 27.52 12.75 6.20
CA ALA C 79 26.77 13.95 6.57
C ALA C 79 27.42 14.64 7.78
N LYS C 80 27.79 13.83 8.77
CA LYS C 80 28.42 14.37 9.98
C LYS C 80 29.72 15.06 9.59
N SER C 81 30.46 14.44 8.67
CA SER C 81 31.68 15.04 8.15
C SER C 81 31.44 16.41 7.54
N LEU C 82 30.30 16.57 6.87
CA LEU C 82 30.01 17.79 6.09
C LEU C 82 29.36 18.90 6.88
N GLY C 83 28.92 18.61 8.10
CA GLY C 83 28.14 19.56 8.86
C GLY C 83 26.64 19.48 8.57
N ALA C 84 26.22 18.48 7.80
CA ALA C 84 24.80 18.35 7.47
C ALA C 84 24.00 17.73 8.61
N ASN C 85 23.12 18.51 9.22
CA ASN C 85 22.23 18.00 10.25
C ASN C 85 20.97 17.36 9.65
N PHE C 86 20.87 17.41 8.33
CA PHE C 86 19.64 16.97 7.65
C PHE C 86 19.94 16.15 6.43
N LEU C 87 19.17 15.06 6.30
CA LEU C 87 19.13 14.25 5.08
C LEU C 87 17.84 14.60 4.35
N ILE C 88 17.92 14.83 3.04
CA ILE C 88 16.69 15.13 2.33
C ILE C 88 16.38 13.99 1.35
N ARG C 89 15.14 13.50 1.39
CA ARG C 89 14.71 12.43 0.48
C ARG C 89 13.44 12.80 -0.24
N GLY C 90 13.19 12.13 -1.36
CA GLY C 90 11.93 12.23 -2.08
C GLY C 90 11.14 10.93 -2.03
N ILE C 91 9.82 11.07 -2.07
CA ILE C 91 8.92 9.92 -2.12
C ILE C 91 8.03 10.09 -3.33
N ARG C 92 8.12 9.14 -4.27
CA ARG C 92 7.28 9.18 -5.46
C ARG C 92 6.02 8.34 -5.26
N ASN C 93 6.10 7.32 -4.40
CA ASN C 93 5.01 6.35 -4.25
C ASN C 93 5.15 5.49 -2.99
N VAL C 94 4.28 4.51 -2.84
CA VAL C 94 4.30 3.68 -1.64
C VAL C 94 5.61 2.89 -1.55
N LYS C 95 6.09 2.43 -2.69
CA LYS C 95 7.35 1.70 -2.69
C LYS C 95 8.50 2.55 -2.14
N ASP C 96 8.62 3.80 -2.61
CA ASP C 96 9.64 4.74 -2.10
C ASP C 96 9.45 4.96 -0.62
N TYR C 97 8.19 5.20 -0.22
CA TYR C 97 7.92 5.47 1.17
C TYR C 97 8.43 4.35 2.11
N GLU C 98 8.08 3.10 1.82
CA GLU C 98 8.51 1.99 2.68
C GLU C 98 10.02 1.77 2.69
N TYR C 99 10.63 1.98 1.53
CA TYR C 99 12.06 1.87 1.38
C TYR C 99 12.78 2.99 2.16
N GLU C 100 12.36 4.24 1.95
CA GLU C 100 12.98 5.38 2.64
C GLU C 100 12.70 5.34 4.14
N LYS C 101 11.54 4.80 4.52
CA LYS C 101 11.24 4.71 5.94
C LYS C 101 12.21 3.78 6.68
N ASP C 102 12.51 2.61 6.09
CA ASP C 102 13.49 1.71 6.69
C ASP C 102 14.86 2.38 6.81
N ILE C 103 15.32 2.98 5.70
CA ILE C 103 16.61 3.66 5.66
C ILE C 103 16.69 4.76 6.73
N ALA C 104 15.63 5.55 6.85
CA ALA C 104 15.55 6.62 7.85
C ALA C 104 15.61 6.10 9.28
N LYS C 105 14.97 4.96 9.55
CA LYS C 105 14.99 4.38 10.88
C LYS C 105 16.40 3.88 11.19
N MET C 106 17.04 3.29 10.20
CA MET C 106 18.40 2.79 10.39
C MET C 106 19.34 3.97 10.62
N ASN C 107 19.15 5.04 9.86
CA ASN C 107 19.93 6.26 10.06
C ASN C 107 19.63 6.96 11.38
N GLN C 108 18.39 6.95 11.81
CA GLN C 108 18.05 7.45 13.14
C GLN C 108 18.87 6.68 14.20
N HIS C 109 18.93 5.36 14.05
CA HIS C 109 19.65 4.51 14.98
C HIS C 109 21.16 4.75 14.96
N LEU C 110 21.71 4.94 13.77
CA LEU C 110 23.13 5.20 13.62
C LEU C 110 23.50 6.61 14.09
N ALA C 111 22.69 7.60 13.74
CA ALA C 111 22.99 8.99 14.10
C ALA C 111 21.72 9.75 14.46
N PRO C 112 21.26 9.61 15.71
CA PRO C 112 19.96 10.16 16.12
C PRO C 112 19.91 11.67 16.01
N GLU C 113 21.08 12.29 15.88
CA GLU C 113 21.15 13.75 15.82
C GLU C 113 20.84 14.22 14.41
N ILE C 114 20.86 13.31 13.46
CA ILE C 114 20.59 13.71 12.08
C ILE C 114 19.14 13.47 11.71
N GLU C 115 18.48 14.50 11.18
CA GLU C 115 17.07 14.40 10.81
C GLU C 115 16.90 14.10 9.32
N THR C 116 16.05 13.11 9.00
CA THR C 116 15.69 12.81 7.61
C THR C 116 14.41 13.57 7.26
N VAL C 117 14.47 14.39 6.23
CA VAL C 117 13.34 15.24 5.86
C VAL C 117 12.82 14.81 4.49
N PHE C 118 11.50 14.80 4.31
CA PHE C 118 10.94 14.27 3.04
C PHE C 118 10.17 15.28 2.23
N LEU C 119 10.38 15.24 0.91
CA LEU C 119 9.52 15.95 -0.02
C LEU C 119 8.83 14.94 -0.94
N LEU C 120 7.55 15.19 -1.25
CA LEU C 120 6.80 14.32 -2.17
C LEU C 120 7.09 14.74 -3.59
N ALA C 121 7.23 13.77 -4.49
CA ALA C 121 7.47 14.11 -5.90
C ALA C 121 6.35 15.02 -6.41
N GLU C 122 6.67 15.98 -7.26
CA GLU C 122 5.55 16.69 -7.84
C GLU C 122 5.12 16.05 -9.14
N GLU C 123 3.80 16.10 -9.36
CA GLU C 123 3.08 15.32 -10.36
C GLU C 123 3.81 14.99 -11.66
N PRO C 124 4.42 16.02 -12.30
CA PRO C 124 5.07 15.80 -13.60
C PRO C 124 6.16 14.73 -13.56
N TYR C 125 6.75 14.47 -12.39
CA TYR C 125 7.90 13.59 -12.31
C TYR C 125 7.73 12.38 -11.40
N ALA C 126 6.51 12.11 -10.96
CA ALA C 126 6.32 11.09 -9.92
C ALA C 126 6.61 9.67 -10.45
N HIS C 127 6.56 9.51 -11.76
CA HIS C 127 6.82 8.22 -12.37
C HIS C 127 8.23 8.14 -12.91
N VAL C 128 8.99 9.22 -12.76
CA VAL C 128 10.32 9.29 -13.33
C VAL C 128 11.38 8.74 -12.38
N SER C 129 12.20 7.84 -12.90
CA SER C 129 13.39 7.38 -12.22
C SER C 129 14.51 7.23 -13.25
N SER C 130 15.75 7.33 -12.79
CA SER C 130 16.90 7.17 -13.68
C SER C 130 16.78 5.88 -14.50
N SER C 131 16.44 4.78 -13.84
CA SER C 131 16.42 3.48 -14.51
C SER C 131 15.29 3.34 -15.53
N LEU C 132 14.07 3.77 -15.20
CA LEU C 132 13.01 3.74 -16.19
C LEU C 132 13.44 4.61 -17.36
N LEU C 133 14.11 5.72 -17.06
CA LEU C 133 14.57 6.64 -18.09
C LEU C 133 15.59 5.95 -19.00
N LYS C 134 16.49 5.18 -18.41
CA LYS C 134 17.53 4.50 -19.17
C LYS C 134 16.92 3.44 -20.07
N GLU C 135 16.06 2.59 -19.51
CA GLU C 135 15.28 1.67 -20.31
C GLU C 135 14.74 2.36 -21.56
N VAL C 136 14.04 3.47 -21.39
CA VAL C 136 13.43 4.17 -22.52
C VAL C 136 14.46 4.76 -23.49
N LEU C 137 15.49 5.39 -22.94
CA LEU C 137 16.57 5.94 -23.75
C LEU C 137 17.20 4.86 -24.62
N ARG C 138 17.48 3.73 -23.97
CA ARG C 138 18.14 2.59 -24.61
C ARG C 138 17.36 2.01 -25.78
N PHE C 139 16.13 2.49 -25.99
CA PHE C 139 15.31 2.08 -27.12
C PHE C 139 14.94 3.26 -27.99
N GLY C 140 15.57 4.41 -27.76
CA GLY C 140 15.34 5.58 -28.59
C GLY C 140 14.11 6.43 -28.25
N GLY C 141 13.43 6.11 -27.16
CA GLY C 141 12.28 6.90 -26.76
C GLY C 141 12.72 8.30 -26.39
N ASP C 142 11.82 9.25 -26.55
CA ASP C 142 12.10 10.64 -26.24
C ASP C 142 11.76 11.02 -24.79
N VAL C 143 12.78 11.13 -23.95
CA VAL C 143 12.58 11.58 -22.57
C VAL C 143 13.26 12.94 -22.29
N SER C 144 13.51 13.71 -23.33
CA SER C 144 14.14 15.03 -23.16
C SER C 144 13.41 15.94 -22.17
N ASP C 145 12.10 15.74 -22.00
CA ASP C 145 11.35 16.55 -21.04
C ASP C 145 11.66 16.20 -19.59
N TYR C 146 12.31 15.06 -19.37
CA TYR C 146 12.55 14.58 -18.02
C TYR C 146 14.00 14.77 -17.57
N LEU C 147 14.87 15.23 -18.47
CA LEU C 147 16.27 15.45 -18.14
C LEU C 147 16.65 16.92 -18.25
N PRO C 148 17.59 17.38 -17.42
CA PRO C 148 18.16 18.71 -17.68
C PRO C 148 18.90 18.68 -19.01
N PRO C 149 18.74 19.72 -19.83
CA PRO C 149 19.24 19.77 -21.21
C PRO C 149 20.70 19.35 -21.36
N ASN C 150 21.56 19.78 -20.46
CA ASN C 150 22.97 19.42 -20.54
C ASN C 150 23.16 17.92 -20.34
N ILE C 151 22.53 17.39 -19.31
CA ILE C 151 22.60 15.95 -19.04
C ILE C 151 22.03 15.14 -20.19
N TYR C 152 21.11 15.76 -20.93
CA TYR C 152 20.47 15.12 -22.08
C TYR C 152 21.41 15.03 -23.28
N HIS C 153 22.05 16.15 -23.62
CA HIS C 153 23.01 16.16 -24.72
C HIS C 153 24.14 15.20 -24.41
N ALA C 154 24.63 15.27 -23.17
CA ALA C 154 25.75 14.43 -22.74
C ALA C 154 25.40 12.96 -22.77
N LEU C 155 24.11 12.65 -22.87
CA LEU C 155 23.67 11.26 -22.87
C LEU C 155 23.56 10.71 -24.28
N LYS C 156 23.49 11.62 -25.25
CA LYS C 156 23.45 11.24 -26.66
C LYS C 156 24.64 10.35 -27.03
N GLN C 157 25.84 10.82 -26.69
CA GLN C 157 27.08 10.11 -27.02
C GLN C 157 27.04 8.62 -26.67
N LYS C 158 26.81 8.33 -25.40
CA LYS C 158 26.89 6.95 -24.90
C LYS C 158 26.30 5.90 -25.84
N MET D 1 16.30 35.02 4.61
CA MET D 1 15.14 35.30 5.44
C MET D 1 14.67 34.11 6.28
N ARG D 2 13.74 34.37 7.18
CA ARG D 2 13.21 33.36 8.09
C ARG D 2 12.44 32.27 7.36
N LYS D 3 12.62 31.03 7.80
CA LYS D 3 11.82 29.94 7.28
C LYS D 3 10.76 29.66 8.32
N ILE D 4 9.50 29.90 7.95
CA ILE D 4 8.42 29.77 8.91
C ILE D 4 7.41 28.70 8.49
N ALA D 5 7.06 27.83 9.42
CA ALA D 5 6.19 26.70 9.09
C ALA D 5 4.90 26.71 9.90
N LEU D 6 3.78 26.50 9.22
CA LEU D 6 2.52 26.24 9.89
C LEU D 6 2.33 24.73 10.07
N PHE D 7 1.98 24.30 11.28
CA PHE D 7 1.66 22.90 11.59
C PHE D 7 0.18 22.79 11.94
N PRO D 8 -0.67 22.59 10.92
CA PRO D 8 -2.14 22.50 11.08
C PRO D 8 -2.55 21.14 11.59
N GLY D 9 -3.63 21.10 12.36
CA GLY D 9 -4.10 19.85 12.95
C GLY D 9 -5.30 20.13 13.83
N SER D 10 -6.03 19.08 14.17
CA SER D 10 -7.15 19.24 15.10
C SER D 10 -6.75 19.01 16.55
N PHE D 11 -5.58 18.39 16.76
CA PHE D 11 -5.02 18.20 18.10
C PHE D 11 -6.10 18.01 19.17
N ASP D 12 -6.83 16.90 19.10
CA ASP D 12 -7.99 16.71 19.96
C ASP D 12 -7.97 15.36 20.66
N PRO D 13 -7.08 15.22 21.66
CA PRO D 13 -6.18 16.27 22.13
C PRO D 13 -4.82 16.10 21.51
N MET D 14 -3.93 17.05 21.73
CA MET D 14 -2.55 16.92 21.30
C MET D 14 -1.92 15.73 22.01
N THR D 15 -1.14 14.95 21.26
CA THR D 15 -0.47 13.78 21.78
C THR D 15 1.04 13.96 21.72
N ASN D 16 1.77 12.98 22.24
CA ASN D 16 3.23 12.97 22.16
C ASN D 16 3.77 12.80 20.75
N GLY D 17 2.94 12.31 19.84
CA GLY D 17 3.34 12.22 18.45
C GLY D 17 3.39 13.61 17.83
N HIS D 18 2.34 14.40 18.06
CA HIS D 18 2.37 15.80 17.63
C HIS D 18 3.60 16.44 18.27
N LEU D 19 3.74 16.27 19.59
CA LEU D 19 4.79 16.95 20.34
C LEU D 19 6.12 16.60 19.72
N ASN D 20 6.30 15.32 19.38
CA ASN D 20 7.51 14.88 18.70
C ASN D 20 7.76 15.59 17.35
N LEU D 21 6.70 15.80 16.58
CA LEU D 21 6.84 16.50 15.31
C LEU D 21 7.24 17.94 15.56
N ILE D 22 6.58 18.56 16.54
CA ILE D 22 6.85 19.95 16.84
C ILE D 22 8.32 20.13 17.24
N GLU D 23 8.77 19.30 18.16
CA GLU D 23 10.17 19.35 18.60
C GLU D 23 11.12 19.20 17.43
N ARG D 24 10.84 18.28 16.51
CA ARG D 24 11.77 18.05 15.42
C ARG D 24 11.74 19.21 14.41
N SER D 25 10.56 19.73 14.12
CA SER D 25 10.50 20.81 13.15
C SER D 25 11.01 22.15 13.73
N ALA D 26 10.95 22.28 15.05
CA ALA D 26 11.52 23.45 15.73
C ALA D 26 13.02 23.56 15.45
N LYS D 27 13.66 22.45 15.07
CA LYS D 27 15.08 22.49 14.73
C LYS D 27 15.30 22.77 13.26
N LEU D 28 14.29 22.47 12.46
CA LEU D 28 14.39 22.57 11.02
C LEU D 28 14.02 23.97 10.53
N PHE D 29 13.00 24.56 11.15
CA PHE D 29 12.51 25.87 10.74
C PHE D 29 12.90 26.94 11.76
N ASP D 30 13.02 28.19 11.31
CA ASP D 30 13.29 29.28 12.25
C ASP D 30 12.14 29.47 13.23
N GLU D 31 10.92 29.25 12.75
CA GLU D 31 9.76 29.40 13.60
C GLU D 31 8.72 28.36 13.22
N VAL D 32 7.97 27.91 14.20
CA VAL D 32 6.91 26.97 13.94
C VAL D 32 5.63 27.45 14.57
N ILE D 33 4.58 27.48 13.78
CA ILE D 33 3.29 27.94 14.26
C ILE D 33 2.30 26.79 14.26
N ILE D 34 1.80 26.47 15.44
CA ILE D 34 0.85 25.39 15.58
C ILE D 34 -0.54 25.94 15.38
N GLY D 35 -1.18 25.52 14.31
CA GLY D 35 -2.49 26.03 13.96
C GLY D 35 -3.62 25.09 14.35
N VAL D 36 -4.31 25.39 15.43
CA VAL D 36 -5.48 24.64 15.83
C VAL D 36 -6.69 24.99 14.98
N PHE D 37 -6.83 24.30 13.85
CA PHE D 37 -7.97 24.52 12.97
C PHE D 37 -9.22 23.86 13.54
N ILE D 38 -9.90 24.58 14.43
CA ILE D 38 -11.08 24.08 15.14
C ILE D 38 -12.19 23.59 14.21
N LEU D 45 -15.88 18.46 23.97
CA LEU D 45 -14.50 18.52 24.48
C LEU D 45 -14.30 19.72 25.42
N PHE D 46 -13.06 20.22 25.45
CA PHE D 46 -12.67 21.40 26.22
C PHE D 46 -12.59 22.61 25.30
N THR D 47 -13.10 23.75 25.76
CA THR D 47 -13.10 24.94 24.91
C THR D 47 -11.73 25.12 24.27
N PRO D 48 -11.70 25.32 22.94
CA PRO D 48 -10.43 25.62 22.27
C PRO D 48 -9.70 26.79 22.96
N GLU D 49 -10.46 27.63 23.66
CA GLU D 49 -9.87 28.68 24.49
C GLU D 49 -8.86 28.07 25.45
N GLU D 50 -8.93 26.75 25.62
CA GLU D 50 -8.05 26.01 26.52
C GLU D 50 -7.19 25.02 25.76
N LYS D 51 -7.72 24.49 24.67
CA LYS D 51 -6.94 23.64 23.77
C LYS D 51 -5.67 24.39 23.38
N LYS D 52 -5.78 25.70 23.22
CA LYS D 52 -4.63 26.56 22.94
C LYS D 52 -3.70 26.62 24.14
N TYR D 53 -4.29 26.73 25.33
CA TYR D 53 -3.48 26.79 26.54
C TYR D 53 -2.78 25.46 26.82
N LEU D 54 -3.52 24.36 26.71
CA LEU D 54 -2.92 23.03 26.82
C LEU D 54 -1.66 22.96 25.97
N ILE D 55 -1.82 23.27 24.68
CA ILE D 55 -0.71 23.20 23.72
C ILE D 55 0.38 24.19 24.09
N GLU D 56 0.00 25.42 24.42
CA GLU D 56 0.96 26.42 24.87
C GLU D 56 1.77 25.91 26.05
N GLU D 57 1.07 25.40 27.05
CA GLU D 57 1.74 24.81 28.20
C GLU D 57 2.70 23.69 27.77
N ALA D 58 2.23 22.82 26.88
CA ALA D 58 3.01 21.64 26.52
C ALA D 58 4.26 21.98 25.73
N THR D 59 4.28 23.16 25.12
CA THR D 59 5.38 23.56 24.24
C THR D 59 6.22 24.71 24.81
N LYS D 60 5.95 25.07 26.06
CA LYS D 60 6.60 26.20 26.71
C LYS D 60 8.13 26.26 26.56
N GLU D 61 8.80 25.14 26.72
CA GLU D 61 10.26 25.17 26.73
C GLU D 61 10.89 25.33 25.35
N MET D 62 10.07 25.66 24.35
CA MET D 62 10.59 25.88 22.99
C MET D 62 10.33 27.32 22.56
N PRO D 63 11.40 28.10 22.38
CA PRO D 63 11.26 29.55 22.16
C PRO D 63 10.65 29.90 20.81
N ASN D 64 10.98 29.12 19.78
CA ASN D 64 10.51 29.43 18.42
C ASN D 64 9.19 28.78 18.01
N VAL D 65 8.37 28.41 18.99
CA VAL D 65 7.06 27.79 18.69
C VAL D 65 5.90 28.63 19.23
N ARG D 66 4.89 28.89 18.40
CA ARG D 66 3.70 29.63 18.84
C ARG D 66 2.46 28.80 18.59
N VAL D 67 1.38 29.14 19.29
CA VAL D 67 0.09 28.54 19.03
C VAL D 67 -0.88 29.62 18.59
N ILE D 68 -1.63 29.35 17.52
CA ILE D 68 -2.74 30.21 17.13
C ILE D 68 -3.97 29.35 16.88
N MET D 69 -5.15 29.92 17.09
CA MET D 69 -6.37 29.25 16.70
C MET D 69 -6.85 29.93 15.44
N GLN D 70 -6.80 29.23 14.34
CA GLN D 70 -7.24 29.83 13.14
C GLN D 70 -8.66 29.37 13.03
N GLU D 71 -9.57 30.31 12.89
CA GLU D 71 -10.98 29.99 12.78
C GLU D 71 -10.90 29.26 11.49
N THR D 72 -11.78 28.32 11.26
CA THR D 72 -11.57 27.49 10.12
C THR D 72 -11.55 28.33 8.88
N GLN D 73 -10.55 28.03 8.05
CA GLN D 73 -10.27 28.70 6.81
C GLN D 73 -9.26 27.86 6.05
N LEU D 74 -9.06 28.10 4.78
CA LEU D 74 -8.02 27.42 4.00
C LEU D 74 -6.69 27.48 4.75
N THR D 75 -6.13 26.31 4.99
CA THR D 75 -4.84 26.21 5.64
C THR D 75 -3.82 27.14 4.99
N VAL D 76 -3.78 27.15 3.66
CA VAL D 76 -2.78 27.96 2.96
C VAL D 76 -3.05 29.47 3.10
N GLU D 77 -4.31 29.84 3.32
CA GLU D 77 -4.67 31.23 3.54
C GLU D 77 -4.13 31.67 4.88
N SER D 78 -4.30 30.80 5.88
CA SER D 78 -3.72 30.99 7.18
C SER D 78 -2.19 31.14 7.10
N ALA D 79 -1.53 30.21 6.41
CA ALA D 79 -0.08 30.28 6.25
C ALA D 79 0.38 31.60 5.62
N LYS D 80 -0.24 31.97 4.50
CA LYS D 80 0.06 33.21 3.78
C LYS D 80 0.03 34.43 4.68
N SER D 81 -1.02 34.54 5.49
CA SER D 81 -1.24 35.75 6.26
C SER D 81 -0.27 35.83 7.43
N LEU D 82 0.50 34.76 7.62
CA LEU D 82 1.48 34.72 8.70
C LEU D 82 2.87 34.67 8.15
N GLY D 83 3.02 34.78 6.83
CA GLY D 83 4.36 34.66 6.26
C GLY D 83 4.97 33.26 6.36
N ALA D 84 4.13 32.24 6.57
CA ALA D 84 4.62 30.85 6.59
C ALA D 84 4.65 30.31 5.18
N ASN D 85 5.85 30.05 4.68
CA ASN D 85 6.03 29.51 3.35
C ASN D 85 6.18 27.99 3.40
N PHE D 86 5.97 27.42 4.58
CA PHE D 86 6.08 25.97 4.75
C PHE D 86 4.95 25.41 5.58
N LEU D 87 4.45 24.28 5.14
CA LEU D 87 3.48 23.48 5.88
C LEU D 87 4.23 22.24 6.34
N ILE D 88 4.10 21.89 7.62
CA ILE D 88 4.79 20.71 8.11
C ILE D 88 3.75 19.63 8.39
N ARG D 89 3.98 18.42 7.89
CA ARG D 89 3.07 17.29 8.11
C ARG D 89 3.83 16.07 8.63
N GLY D 90 3.11 15.17 9.30
CA GLY D 90 3.62 13.88 9.70
C GLY D 90 2.98 12.73 8.92
N ILE D 91 3.73 11.65 8.71
CA ILE D 91 3.22 10.44 8.09
C ILE D 91 3.50 9.24 8.99
N ARG D 92 2.45 8.59 9.46
CA ARG D 92 2.58 7.39 10.30
C ARG D 92 2.59 6.11 9.47
N ASN D 93 1.93 6.13 8.31
CA ASN D 93 1.70 4.92 7.52
C ASN D 93 1.18 5.24 6.11
N VAL D 94 0.83 4.20 5.35
CA VAL D 94 0.46 4.39 3.96
C VAL D 94 -0.83 5.19 3.87
N LYS D 95 -1.79 4.89 4.73
CA LYS D 95 -3.00 5.69 4.76
C LYS D 95 -2.73 7.20 4.91
N ASP D 96 -1.88 7.58 5.88
CA ASP D 96 -1.45 8.97 6.07
C ASP D 96 -0.80 9.51 4.82
N TYR D 97 0.13 8.73 4.26
CA TYR D 97 0.85 9.15 3.07
C TYR D 97 -0.11 9.56 1.95
N GLU D 98 -1.08 8.72 1.64
CA GLU D 98 -1.96 8.97 0.50
C GLU D 98 -2.88 10.14 0.77
N TYR D 99 -3.35 10.22 2.02
CA TYR D 99 -4.23 11.30 2.44
C TYR D 99 -3.48 12.66 2.41
N GLU D 100 -2.32 12.72 3.06
CA GLU D 100 -1.53 13.93 3.05
C GLU D 100 -1.11 14.30 1.63
N LYS D 101 -0.79 13.31 0.80
CA LYS D 101 -0.34 13.62 -0.55
C LYS D 101 -1.41 14.36 -1.38
N ASP D 102 -2.66 13.91 -1.29
CA ASP D 102 -3.77 14.59 -1.96
C ASP D 102 -3.92 16.04 -1.42
N ILE D 103 -3.83 16.19 -0.11
CA ILE D 103 -3.94 17.48 0.52
C ILE D 103 -2.80 18.42 0.12
N ALA D 104 -1.59 17.88 0.03
CA ALA D 104 -0.46 18.69 -0.41
C ALA D 104 -0.57 19.09 -1.88
N LYS D 105 -1.12 18.22 -2.73
CA LYS D 105 -1.29 18.56 -4.15
C LYS D 105 -2.34 19.64 -4.37
N MET D 106 -3.44 19.57 -3.63
CA MET D 106 -4.44 20.60 -3.65
C MET D 106 -3.86 21.92 -3.10
N ASN D 107 -3.13 21.86 -1.99
CA ASN D 107 -2.54 23.07 -1.43
C ASN D 107 -1.49 23.64 -2.38
N GLN D 108 -0.90 22.79 -3.21
CA GLN D 108 0.05 23.29 -4.18
C GLN D 108 -0.67 24.05 -5.28
N HIS D 109 -1.82 23.53 -5.68
CA HIS D 109 -2.64 24.20 -6.66
C HIS D 109 -3.14 25.55 -6.12
N LEU D 110 -3.50 25.59 -4.82
CA LEU D 110 -4.07 26.79 -4.21
C LEU D 110 -2.99 27.81 -3.88
N ALA D 111 -1.83 27.33 -3.45
CA ALA D 111 -0.75 28.21 -3.05
C ALA D 111 0.59 27.60 -3.45
N PRO D 112 0.94 27.73 -4.73
CA PRO D 112 2.14 27.13 -5.34
C PRO D 112 3.43 27.55 -4.64
N GLU D 113 3.42 28.71 -3.99
CA GLU D 113 4.62 29.22 -3.33
C GLU D 113 4.84 28.57 -1.97
N ILE D 114 3.83 27.88 -1.47
CA ILE D 114 3.97 27.20 -0.20
C ILE D 114 4.38 25.73 -0.39
N GLU D 115 5.42 25.33 0.32
CA GLU D 115 5.96 23.99 0.22
C GLU D 115 5.44 23.15 1.36
N THR D 116 4.94 21.96 1.07
CA THR D 116 4.61 21.01 2.13
C THR D 116 5.82 20.11 2.43
N VAL D 117 6.19 20.04 3.70
CA VAL D 117 7.37 19.29 4.12
C VAL D 117 6.87 18.16 5.01
N PHE D 118 7.47 16.97 4.90
CA PHE D 118 7.01 15.79 5.66
C PHE D 118 8.08 15.21 6.59
N LEU D 119 7.66 14.81 7.78
CA LEU D 119 8.50 14.03 8.67
C LEU D 119 7.79 12.71 8.93
N LEU D 120 8.54 11.63 9.02
CA LEU D 120 7.98 10.33 9.39
C LEU D 120 7.82 10.24 10.92
N ALA D 121 6.77 9.56 11.37
CA ALA D 121 6.57 9.36 12.79
C ALA D 121 7.71 8.54 13.38
N GLU D 122 8.12 8.86 14.60
CA GLU D 122 9.16 8.09 15.26
C GLU D 122 8.49 6.89 15.89
N GLU D 123 9.17 5.75 15.85
CA GLU D 123 8.48 4.45 15.95
C GLU D 123 7.53 4.23 17.13
N PRO D 124 7.92 4.72 18.34
CA PRO D 124 7.08 4.56 19.52
C PRO D 124 5.71 5.22 19.38
N TYR D 125 5.58 6.20 18.48
CA TYR D 125 4.31 6.88 18.28
C TYR D 125 3.63 6.61 16.93
N ALA D 126 4.17 5.68 16.16
CA ALA D 126 3.68 5.44 14.79
C ALA D 126 2.21 4.98 14.75
N HIS D 127 1.76 4.37 15.84
CA HIS D 127 0.38 3.89 15.92
C HIS D 127 -0.50 4.89 16.69
N VAL D 128 0.07 6.01 17.09
CA VAL D 128 -0.66 6.96 17.93
C VAL D 128 -1.52 7.93 17.14
N SER D 129 -2.81 7.89 17.41
CA SER D 129 -3.70 8.96 16.97
C SER D 129 -4.59 9.39 18.13
N SER D 130 -4.98 10.65 18.12
CA SER D 130 -5.90 11.16 19.13
C SER D 130 -7.14 10.29 19.17
N SER D 131 -7.57 9.84 17.99
CA SER D 131 -8.76 9.02 17.88
C SER D 131 -8.62 7.69 18.61
N LEU D 132 -7.51 7.00 18.38
CA LEU D 132 -7.25 5.74 19.07
C LEU D 132 -7.12 5.96 20.58
N LEU D 133 -6.34 6.98 20.96
CA LEU D 133 -6.18 7.32 22.37
C LEU D 133 -7.53 7.51 23.06
N LYS D 134 -8.43 8.24 22.40
CA LYS D 134 -9.73 8.54 23.01
C LYS D 134 -10.55 7.28 23.20
N GLU D 135 -10.47 6.36 22.25
CA GLU D 135 -11.17 5.09 22.38
C GLU D 135 -10.63 4.33 23.58
N VAL D 136 -9.32 4.31 23.75
CA VAL D 136 -8.71 3.61 24.87
C VAL D 136 -9.04 4.32 26.20
N LEU D 137 -8.99 5.64 26.21
CA LEU D 137 -9.32 6.41 27.40
C LEU D 137 -10.77 6.17 27.82
N ARG D 138 -11.67 6.19 26.84
CA ARG D 138 -13.08 5.89 27.08
C ARG D 138 -13.25 4.59 27.84
N PHE D 139 -12.37 3.62 27.62
CA PHE D 139 -12.54 2.29 28.22
C PHE D 139 -11.63 2.04 29.41
N GLY D 140 -10.90 3.05 29.85
CA GLY D 140 -10.16 2.96 31.09
C GLY D 140 -8.70 2.60 30.92
N GLY D 141 -8.28 2.43 29.67
CA GLY D 141 -6.92 2.04 29.39
C GLY D 141 -5.93 3.15 29.69
N ASP D 142 -4.73 2.78 30.08
CA ASP D 142 -3.73 3.74 30.44
C ASP D 142 -2.90 4.14 29.25
N VAL D 143 -3.14 5.34 28.74
CA VAL D 143 -2.31 5.86 27.65
C VAL D 143 -1.52 7.10 28.05
N SER D 144 -1.26 7.22 29.35
CA SER D 144 -0.47 8.33 29.86
C SER D 144 0.90 8.47 29.18
N ASP D 145 1.53 7.37 28.79
CA ASP D 145 2.81 7.49 28.08
C ASP D 145 2.67 8.19 26.73
N TYR D 146 1.45 8.27 26.21
CA TYR D 146 1.25 8.83 24.87
C TYR D 146 0.80 10.29 24.90
N LEU D 147 0.68 10.86 26.10
CA LEU D 147 0.20 12.22 26.25
C LEU D 147 1.15 13.07 27.09
N PRO D 148 1.38 14.33 26.69
CA PRO D 148 2.13 15.18 27.61
C PRO D 148 1.39 15.23 28.94
N PRO D 149 2.15 15.22 30.05
CA PRO D 149 1.57 15.19 31.40
C PRO D 149 0.42 16.18 31.59
N ASN D 150 0.59 17.41 31.12
CA ASN D 150 -0.44 18.41 31.35
C ASN D 150 -1.75 18.10 30.64
N ILE D 151 -1.67 17.50 29.46
CA ILE D 151 -2.88 17.15 28.71
C ILE D 151 -3.53 15.88 29.29
N TYR D 152 -2.71 14.98 29.79
CA TYR D 152 -3.23 13.79 30.47
C TYR D 152 -4.05 14.21 31.68
N HIS D 153 -3.45 14.99 32.58
CA HIS D 153 -4.17 15.50 33.74
C HIS D 153 -5.46 16.18 33.33
N ALA D 154 -5.34 17.21 32.49
CA ALA D 154 -6.51 17.98 32.07
C ALA D 154 -7.56 17.11 31.39
N LEU D 155 -7.21 15.85 31.15
CA LEU D 155 -8.04 14.97 30.34
C LEU D 155 -8.95 14.07 31.16
N LYS D 156 -8.49 13.67 32.35
CA LYS D 156 -9.29 12.80 33.19
C LYS D 156 -10.39 13.54 33.95
N GLN D 157 -11.17 14.31 33.19
CA GLN D 157 -12.37 14.98 33.70
C GLN D 157 -13.34 15.17 32.55
N LYS D 158 -14.58 14.72 32.72
CA LYS D 158 -15.60 14.86 31.66
C LYS D 158 -17.03 14.91 32.22
N MET E 1 -4.67 -29.71 15.25
CA MET E 1 -3.53 -30.54 14.86
C MET E 1 -2.26 -30.26 15.68
N ARG E 2 -1.31 -31.20 15.66
CA ARG E 2 -0.08 -31.09 16.44
C ARG E 2 0.49 -29.68 16.33
N LYS E 3 0.73 -29.01 17.46
CA LYS E 3 1.24 -27.64 17.43
C LYS E 3 2.72 -27.64 17.09
N ILE E 4 3.06 -28.14 15.92
CA ILE E 4 4.45 -28.16 15.49
C ILE E 4 4.62 -27.19 14.33
N ALA E 5 5.55 -26.25 14.44
CA ALA E 5 5.68 -25.23 13.41
C ALA E 5 7.08 -25.20 12.81
N LEU E 6 7.14 -24.92 11.51
CA LEU E 6 8.39 -24.63 10.82
C LEU E 6 8.55 -23.12 10.57
N PHE E 7 9.72 -22.59 10.90
CA PHE E 7 10.04 -21.18 10.66
C PHE E 7 11.19 -21.16 9.67
N PRO E 8 10.88 -21.06 8.37
CA PRO E 8 11.89 -21.15 7.32
C PRO E 8 12.58 -19.84 7.02
N GLY E 9 13.89 -19.88 6.78
CA GLY E 9 14.59 -18.68 6.40
C GLY E 9 16.00 -18.96 5.95
N SER E 10 16.67 -17.94 5.46
CA SER E 10 18.08 -18.03 5.12
C SER E 10 18.94 -17.72 6.35
N PHE E 11 18.47 -16.80 7.19
CA PHE E 11 19.18 -16.45 8.43
C PHE E 11 20.65 -16.14 8.20
N ASP E 12 20.89 -15.16 7.33
CA ASP E 12 22.22 -14.85 6.82
C ASP E 12 22.54 -13.36 7.00
N PRO E 13 22.74 -12.92 8.25
CA PRO E 13 22.72 -13.74 9.46
C PRO E 13 21.36 -13.66 10.12
N MET E 14 21.19 -14.41 11.20
CA MET E 14 20.00 -14.33 12.01
C MET E 14 20.00 -13.04 12.79
N THR E 15 18.87 -12.34 12.79
CA THR E 15 18.77 -11.04 13.45
C THR E 15 17.94 -11.14 14.70
N ASN E 16 17.96 -10.06 15.50
CA ASN E 16 17.06 -9.96 16.64
C ASN E 16 15.59 -9.96 16.19
N GLY E 17 15.34 -9.55 14.95
CA GLY E 17 14.00 -9.63 14.40
C GLY E 17 13.56 -11.09 14.35
N HIS E 18 14.40 -11.92 13.75
CA HIS E 18 14.16 -13.35 13.69
C HIS E 18 13.96 -13.91 15.10
N LEU E 19 14.88 -13.55 16.00
CA LEU E 19 14.90 -14.12 17.35
C LEU E 19 13.62 -13.77 18.06
N ASN E 20 13.22 -12.51 17.93
CA ASN E 20 11.96 -12.03 18.46
C ASN E 20 10.74 -12.86 18.02
N LEU E 21 10.67 -13.20 16.73
CA LEU E 21 9.57 -14.03 16.23
C LEU E 21 9.65 -15.44 16.83
N ILE E 22 10.87 -15.95 17.00
CA ILE E 22 11.05 -17.31 17.53
C ILE E 22 10.58 -17.40 18.98
N GLU E 23 11.00 -16.43 19.78
CA GLU E 23 10.57 -16.31 21.16
C GLU E 23 9.05 -16.25 21.27
N ARG E 24 8.46 -15.42 20.43
CA ARG E 24 7.01 -15.27 20.46
C ARG E 24 6.37 -16.58 19.95
N SER E 25 6.96 -17.18 18.92
CA SER E 25 6.45 -18.46 18.43
C SER E 25 6.58 -19.61 19.44
N ALA E 26 7.62 -19.57 20.27
CA ALA E 26 7.83 -20.65 21.24
C ALA E 26 6.75 -20.64 22.32
N LYS E 27 6.07 -19.50 22.47
CA LYS E 27 4.95 -19.41 23.40
C LYS E 27 3.65 -19.98 22.82
N LEU E 28 3.62 -20.13 21.50
CA LEU E 28 2.39 -20.51 20.82
C LEU E 28 2.41 -21.99 20.44
N PHE E 29 3.55 -22.49 19.98
CA PHE E 29 3.60 -23.88 19.52
C PHE E 29 4.32 -24.80 20.53
N ASP E 30 3.99 -26.09 20.50
CA ASP E 30 4.70 -27.06 21.34
C ASP E 30 6.11 -27.22 20.84
N GLU E 31 6.28 -27.11 19.52
CA GLU E 31 7.61 -27.22 18.94
C GLU E 31 7.80 -26.25 17.79
N VAL E 32 8.90 -25.51 17.84
CA VAL E 32 9.22 -24.61 16.76
C VAL E 32 10.51 -25.06 16.12
N ILE E 33 10.45 -25.34 14.82
CA ILE E 33 11.65 -25.71 14.09
C ILE E 33 12.19 -24.54 13.27
N ILE E 34 13.44 -24.17 13.51
CA ILE E 34 14.11 -23.21 12.67
C ILE E 34 14.71 -23.93 11.50
N GLY E 35 14.09 -23.79 10.33
CA GLY E 35 14.57 -24.48 9.14
C GLY E 35 15.52 -23.57 8.38
N VAL E 36 16.80 -23.90 8.43
CA VAL E 36 17.81 -23.04 7.83
C VAL E 36 18.15 -23.53 6.42
N PHE E 37 17.62 -22.85 5.41
CA PHE E 37 17.75 -23.29 4.02
C PHE E 37 19.02 -22.77 3.37
N ILE E 38 19.92 -23.69 3.03
CA ILE E 38 21.18 -23.35 2.40
C ILE E 38 20.97 -23.05 0.92
N LEU E 45 27.63 -16.48 3.73
CA LEU E 45 28.60 -15.82 4.62
C LEU E 45 29.19 -16.81 5.62
N PHE E 46 28.31 -17.61 6.23
CA PHE E 46 28.73 -18.65 7.17
C PHE E 46 28.50 -20.03 6.56
N THR E 47 29.21 -21.04 7.07
CA THR E 47 28.99 -22.41 6.64
C THR E 47 27.83 -23.01 7.42
N PRO E 48 27.12 -23.97 6.82
CA PRO E 48 25.95 -24.59 7.46
C PRO E 48 26.22 -24.93 8.92
N GLU E 49 27.33 -25.59 9.17
CA GLU E 49 27.68 -26.02 10.52
C GLU E 49 27.85 -24.83 11.47
N GLU E 50 28.49 -23.78 11.00
CA GLU E 50 28.65 -22.55 11.77
C GLU E 50 27.26 -21.99 12.08
N LYS E 51 26.49 -21.75 11.03
CA LYS E 51 25.15 -21.19 11.17
C LYS E 51 24.29 -21.96 12.18
N LYS E 52 24.35 -23.29 12.13
CA LYS E 52 23.56 -24.11 13.04
C LYS E 52 23.98 -23.89 14.48
N TYR E 53 25.29 -23.84 14.69
CA TYR E 53 25.83 -23.58 16.02
C TYR E 53 25.44 -22.17 16.49
N LEU E 54 25.62 -21.19 15.61
CA LEU E 54 25.25 -19.81 15.93
C LEU E 54 23.81 -19.72 16.39
N ILE E 55 22.92 -20.28 15.58
CA ILE E 55 21.48 -20.20 15.83
C ILE E 55 21.10 -21.02 17.04
N GLU E 56 21.65 -22.24 17.16
CA GLU E 56 21.45 -23.00 18.39
C GLU E 56 21.94 -22.24 19.62
N GLU E 57 23.13 -21.67 19.53
CA GLU E 57 23.61 -20.84 20.65
C GLU E 57 22.63 -19.71 20.95
N ALA E 58 22.19 -19.00 19.92
CA ALA E 58 21.28 -17.87 20.12
C ALA E 58 19.90 -18.28 20.66
N THR E 59 19.51 -19.54 20.51
CA THR E 59 18.17 -19.95 20.94
C THR E 59 18.16 -20.94 22.10
N LYS E 60 19.35 -21.26 22.61
CA LYS E 60 19.49 -22.33 23.60
C LYS E 60 18.67 -22.14 24.85
N GLU E 61 18.14 -20.94 25.05
CA GLU E 61 17.31 -20.63 26.20
C GLU E 61 15.87 -21.14 26.04
N MET E 62 15.52 -21.62 24.85
CA MET E 62 14.17 -22.10 24.60
C MET E 62 14.13 -23.62 24.34
N PRO E 63 13.52 -24.38 25.25
CA PRO E 63 13.60 -25.84 25.23
C PRO E 63 12.78 -26.46 24.11
N ASN E 64 11.74 -25.77 23.63
CA ASN E 64 10.88 -26.31 22.57
C ASN E 64 11.28 -25.78 21.19
N VAL E 65 12.51 -25.30 21.07
CA VAL E 65 13.01 -24.84 19.78
C VAL E 65 14.12 -25.75 19.27
N ARG E 66 14.07 -26.10 18.01
CA ARG E 66 15.09 -26.96 17.43
C ARG E 66 15.54 -26.39 16.10
N VAL E 67 16.77 -26.70 15.73
CA VAL E 67 17.34 -26.14 14.51
C VAL E 67 17.70 -27.26 13.57
N ILE E 68 17.20 -27.18 12.34
CA ILE E 68 17.49 -28.18 11.35
C ILE E 68 17.94 -27.49 10.07
N MET E 69 19.05 -27.95 9.52
CA MET E 69 19.51 -27.43 8.24
C MET E 69 18.73 -28.15 7.15
N GLN E 70 18.39 -27.42 6.10
CA GLN E 70 17.60 -27.98 5.02
C GLN E 70 18.15 -27.54 3.67
N GLU E 71 18.33 -28.47 2.74
CA GLU E 71 18.73 -28.07 1.41
C GLU E 71 17.54 -27.43 0.71
N THR E 72 17.81 -26.43 -0.12
CA THR E 72 16.72 -25.68 -0.77
C THR E 72 15.71 -26.63 -1.38
N GLN E 73 14.45 -26.33 -1.17
CA GLN E 73 13.35 -27.18 -1.65
C GLN E 73 12.04 -26.47 -1.34
N LEU E 74 10.95 -27.04 -1.82
CA LEU E 74 9.63 -26.57 -1.44
C LEU E 74 9.52 -26.56 0.08
N THR E 75 9.20 -25.40 0.63
CA THR E 75 9.02 -25.26 2.05
C THR E 75 8.00 -26.24 2.61
N VAL E 76 6.90 -26.45 1.89
CA VAL E 76 5.83 -27.29 2.40
C VAL E 76 6.24 -28.76 2.47
N GLU E 77 7.20 -29.17 1.64
CA GLU E 77 7.63 -30.56 1.73
C GLU E 77 8.68 -30.75 2.79
N SER E 78 9.50 -29.73 3.03
CA SER E 78 10.34 -29.73 4.22
C SER E 78 9.45 -29.82 5.48
N ALA E 79 8.36 -29.05 5.51
CA ALA E 79 7.43 -29.12 6.65
C ALA E 79 6.84 -30.51 6.81
N LYS E 80 6.46 -31.12 5.69
CA LYS E 80 5.83 -32.43 5.69
C LYS E 80 6.80 -33.50 6.19
N SER E 81 8.05 -33.43 5.73
CA SER E 81 9.10 -34.32 6.19
C SER E 81 9.35 -34.23 7.69
N LEU E 82 9.16 -33.04 8.26
CA LEU E 82 9.52 -32.80 9.66
C LEU E 82 8.31 -32.92 10.57
N GLY E 83 7.15 -33.13 9.99
CA GLY E 83 5.95 -33.24 10.80
C GLY E 83 5.33 -31.91 11.23
N ALA E 84 5.82 -30.79 10.67
CA ALA E 84 5.22 -29.47 10.96
C ALA E 84 3.89 -29.27 10.24
N ASN E 85 2.88 -28.85 11.00
CA ASN E 85 1.57 -28.51 10.45
C ASN E 85 1.39 -27.01 10.24
N PHE E 86 2.36 -26.23 10.69
CA PHE E 86 2.24 -24.78 10.65
C PHE E 86 3.51 -24.16 10.09
N LEU E 87 3.32 -23.15 9.26
CA LEU E 87 4.42 -22.31 8.82
C LEU E 87 4.29 -21.00 9.56
N ILE E 88 5.38 -20.52 10.15
CA ILE E 88 5.34 -19.25 10.84
C ILE E 88 6.11 -18.22 10.01
N ARG E 89 5.50 -17.07 9.74
CA ARG E 89 6.14 -16.01 8.96
C ARG E 89 5.93 -14.67 9.66
N GLY E 90 6.83 -13.74 9.37
CA GLY E 90 6.75 -12.40 9.93
C GLY E 90 6.40 -11.38 8.87
N ILE E 91 5.69 -10.34 9.26
CA ILE E 91 5.40 -9.20 8.41
C ILE E 91 5.90 -7.91 9.03
N ARG E 92 6.79 -7.18 8.34
CA ARG E 92 7.19 -5.89 8.88
C ARG E 92 6.67 -4.67 8.13
N ASN E 93 6.12 -4.87 6.94
CA ASN E 93 5.54 -3.77 6.15
C ASN E 93 4.64 -4.25 5.00
N VAL E 94 4.13 -3.34 4.19
CA VAL E 94 3.24 -3.73 3.11
C VAL E 94 3.95 -4.63 2.09
N LYS E 95 5.16 -4.26 1.73
CA LYS E 95 5.97 -5.12 0.86
C LYS E 95 5.97 -6.59 1.31
N ASP E 96 6.21 -6.82 2.61
CA ASP E 96 6.28 -8.15 3.21
C ASP E 96 4.94 -8.82 3.12
N TYR E 97 3.89 -8.06 3.47
CA TYR E 97 2.54 -8.59 3.44
C TYR E 97 2.20 -9.15 2.07
N GLU E 98 2.45 -8.38 1.01
CA GLU E 98 2.07 -8.82 -0.34
C GLU E 98 2.94 -9.99 -0.77
N TYR E 99 4.20 -9.96 -0.38
CA TYR E 99 5.09 -11.04 -0.72
C TYR E 99 4.68 -12.35 0.00
N GLU E 100 4.51 -12.28 1.32
CA GLU E 100 4.12 -13.45 2.10
C GLU E 100 2.71 -13.93 1.71
N LYS E 101 1.81 -13.00 1.37
CA LYS E 101 0.47 -13.41 0.95
C LYS E 101 0.52 -14.32 -0.30
N ASP E 102 1.26 -13.94 -1.34
CA ASP E 102 1.36 -14.78 -2.53
C ASP E 102 1.99 -16.14 -2.17
N ILE E 103 3.08 -16.11 -1.42
CA ILE E 103 3.73 -17.35 -0.98
C ILE E 103 2.81 -18.25 -0.16
N ALA E 104 2.03 -17.66 0.76
CA ALA E 104 1.08 -18.43 1.55
C ALA E 104 -0.03 -19.05 0.71
N LYS E 105 -0.49 -18.33 -0.32
CA LYS E 105 -1.52 -18.88 -1.20
C LYS E 105 -0.99 -20.05 -2.02
N MET E 106 0.24 -19.93 -2.49
CA MET E 106 0.87 -20.99 -3.26
C MET E 106 1.06 -22.23 -2.36
N ASN E 107 1.59 -22.00 -1.17
CA ASN E 107 1.78 -23.10 -0.23
C ASN E 107 0.48 -23.75 0.12
N GLN E 108 -0.60 -22.97 0.19
CA GLN E 108 -1.90 -23.53 0.47
C GLN E 108 -2.36 -24.39 -0.68
N HIS E 109 -2.01 -23.99 -1.90
CA HIS E 109 -2.38 -24.78 -3.06
C HIS E 109 -1.55 -26.06 -3.09
N LEU E 110 -0.26 -25.96 -2.75
CA LEU E 110 0.61 -27.13 -2.71
C LEU E 110 0.29 -28.07 -1.55
N ALA E 111 -0.16 -27.53 -0.41
CA ALA E 111 -0.40 -28.35 0.79
C ALA E 111 -1.49 -27.74 1.67
N PRO E 112 -2.77 -27.98 1.29
CA PRO E 112 -3.90 -27.34 1.95
C PRO E 112 -3.96 -27.62 3.46
N GLU E 113 -3.32 -28.69 3.92
CA GLU E 113 -3.42 -29.08 5.34
C GLU E 113 -2.38 -28.35 6.19
N ILE E 114 -1.50 -27.62 5.53
CA ILE E 114 -0.54 -26.79 6.22
C ILE E 114 -1.01 -25.34 6.33
N GLU E 115 -1.07 -24.83 7.56
CA GLU E 115 -1.54 -23.49 7.80
C GLU E 115 -0.36 -22.56 7.99
N THR E 116 -0.40 -21.41 7.32
CA THR E 116 0.60 -20.38 7.51
C THR E 116 0.05 -19.40 8.53
N VAL E 117 0.86 -19.11 9.56
CA VAL E 117 0.50 -18.22 10.66
C VAL E 117 1.45 -17.02 10.66
N PHE E 118 0.91 -15.82 10.90
CA PHE E 118 1.69 -14.60 10.78
C PHE E 118 1.86 -13.84 12.07
N LEU E 119 3.06 -13.31 12.28
CA LEU E 119 3.28 -12.41 13.40
C LEU E 119 3.82 -11.09 12.84
N LEU E 120 3.33 -9.99 13.38
CA LEU E 120 3.82 -8.69 12.99
C LEU E 120 5.14 -8.35 13.69
N ALA E 121 6.06 -7.73 12.96
CA ALA E 121 7.30 -7.24 13.52
C ALA E 121 7.06 -6.35 14.75
N GLU E 122 7.86 -6.56 15.79
CA GLU E 122 7.82 -5.67 16.95
C GLU E 122 8.59 -4.40 16.55
N GLU E 123 8.00 -3.23 16.81
CA GLU E 123 8.48 -1.96 16.22
C GLU E 123 9.99 -1.71 16.18
N PRO E 124 10.71 -2.03 17.28
CA PRO E 124 12.17 -1.90 17.34
C PRO E 124 12.81 -2.54 16.11
N TYR E 125 12.24 -3.65 15.65
CA TYR E 125 12.85 -4.37 14.56
C TYR E 125 12.14 -4.23 13.20
N ALA E 126 11.09 -3.42 13.14
CA ALA E 126 10.29 -3.36 11.92
C ALA E 126 11.13 -3.09 10.68
N HIS E 127 12.21 -2.35 10.84
CA HIS E 127 13.05 -1.96 9.71
C HIS E 127 14.23 -2.90 9.53
N VAL E 128 14.27 -3.96 10.34
CA VAL E 128 15.45 -4.82 10.35
C VAL E 128 15.32 -5.98 9.38
N SER E 129 16.21 -6.02 8.39
CA SER E 129 16.38 -7.17 7.53
C SER E 129 17.85 -7.54 7.48
N SER E 130 18.14 -8.82 7.27
CA SER E 130 19.53 -9.28 7.16
C SER E 130 20.32 -8.51 6.12
N SER E 131 19.71 -8.23 4.98
CA SER E 131 20.42 -7.51 3.92
C SER E 131 20.80 -6.09 4.34
N LEU E 132 19.84 -5.33 4.88
CA LEU E 132 20.13 -3.96 5.32
C LEU E 132 21.23 -3.99 6.38
N LEU E 133 21.10 -4.92 7.32
CA LEU E 133 22.06 -5.07 8.38
C LEU E 133 23.46 -5.32 7.80
N LYS E 134 23.53 -6.03 6.69
CA LYS E 134 24.83 -6.35 6.10
C LYS E 134 25.44 -5.14 5.40
N GLU E 135 24.62 -4.37 4.71
CA GLU E 135 25.11 -3.16 4.09
C GLU E 135 25.69 -2.23 5.15
N VAL E 136 25.05 -2.14 6.30
CA VAL E 136 25.53 -1.26 7.35
C VAL E 136 26.83 -1.80 7.95
N LEU E 137 26.91 -3.12 8.08
CA LEU E 137 28.10 -3.80 8.58
C LEU E 137 29.31 -3.61 7.68
N ARG E 138 29.14 -3.82 6.38
CA ARG E 138 30.24 -3.66 5.45
C ARG E 138 30.84 -2.25 5.51
N PHE E 139 30.07 -1.31 6.05
CA PHE E 139 30.52 0.08 6.12
C PHE E 139 30.94 0.50 7.52
N GLY E 140 30.94 -0.45 8.45
CA GLY E 140 31.47 -0.20 9.77
C GLY E 140 30.45 0.28 10.79
N GLY E 141 29.20 0.42 10.37
CA GLY E 141 28.17 0.94 11.27
C GLY E 141 27.88 -0.05 12.37
N ASP E 142 27.50 0.45 13.53
CA ASP E 142 27.26 -0.40 14.68
C ASP E 142 25.81 -0.85 14.73
N VAL E 143 25.58 -2.12 14.41
CA VAL E 143 24.25 -2.70 14.46
C VAL E 143 24.13 -3.80 15.50
N SER E 144 25.02 -3.74 16.50
CA SER E 144 25.03 -4.72 17.58
C SER E 144 23.70 -4.82 18.30
N ASP E 145 22.98 -3.72 18.41
CA ASP E 145 21.64 -3.78 19.00
C ASP E 145 20.67 -4.67 18.20
N TYR E 146 21.05 -5.03 16.97
CA TYR E 146 20.11 -5.73 16.08
C TYR E 146 20.50 -7.18 15.82
N LEU E 147 21.53 -7.66 16.53
CA LEU E 147 22.04 -9.02 16.33
C LEU E 147 22.22 -9.68 17.68
N PRO E 148 21.85 -10.96 17.80
CA PRO E 148 22.22 -11.62 19.06
C PRO E 148 23.74 -11.54 19.26
N PRO E 149 24.19 -11.31 20.50
CA PRO E 149 25.62 -11.13 20.83
C PRO E 149 26.52 -12.19 20.20
N ASN E 150 26.17 -13.46 20.32
CA ASN E 150 27.03 -14.51 19.79
C ASN E 150 27.20 -14.37 18.28
N ILE E 151 26.13 -14.01 17.58
CA ILE E 151 26.19 -13.83 16.13
C ILE E 151 26.93 -12.55 15.77
N TYR E 152 26.70 -11.51 16.56
CA TYR E 152 27.46 -10.28 16.37
C TYR E 152 28.95 -10.56 16.49
N HIS E 153 29.35 -11.17 17.60
CA HIS E 153 30.75 -11.52 17.84
C HIS E 153 31.30 -12.34 16.68
N ALA E 154 30.57 -13.39 16.30
CA ALA E 154 31.00 -14.24 15.21
C ALA E 154 31.16 -13.45 13.91
N LEU E 155 30.24 -12.52 13.69
CA LEU E 155 30.18 -11.79 12.43
C LEU E 155 31.37 -10.86 12.28
N LYS E 156 31.86 -10.34 13.40
CA LYS E 156 33.01 -9.45 13.38
C LYS E 156 34.29 -10.24 13.56
N GLN E 157 34.51 -11.19 12.68
CA GLN E 157 35.70 -12.01 12.73
C GLN E 157 36.05 -12.42 11.31
N LYS E 158 35.75 -11.54 10.36
CA LYS E 158 35.88 -11.88 8.95
C LYS E 158 35.43 -10.73 8.05
N MET F 1 2.74 -20.30 26.65
CA MET F 1 1.52 -19.92 27.34
C MET F 1 0.38 -20.87 27.01
N ARG F 2 -0.65 -20.88 27.85
CA ARG F 2 -1.87 -21.63 27.57
C ARG F 2 -2.47 -21.24 26.22
N LYS F 3 -2.83 -22.24 25.41
CA LYS F 3 -3.20 -21.98 24.03
C LYS F 3 -4.65 -21.55 23.95
N ILE F 4 -4.93 -20.40 24.54
CA ILE F 4 -6.28 -19.90 24.57
C ILE F 4 -6.35 -18.56 23.82
N ALA F 5 -7.26 -18.49 22.86
CA ALA F 5 -7.35 -17.35 21.97
C ALA F 5 -8.73 -16.72 22.04
N LEU F 6 -8.75 -15.40 22.10
CA LEU F 6 -9.99 -14.65 21.92
C LEU F 6 -10.03 -14.11 20.49
N PHE F 7 -11.17 -14.27 19.84
CA PHE F 7 -11.40 -13.72 18.50
C PHE F 7 -12.47 -12.65 18.60
N PRO F 8 -12.07 -11.39 18.84
CA PRO F 8 -13.03 -10.30 19.04
C PRO F 8 -13.51 -9.73 17.71
N GLY F 9 -14.77 -9.32 17.64
CA GLY F 9 -15.32 -8.71 16.44
C GLY F 9 -16.78 -8.31 16.60
N SER F 10 -17.32 -7.62 15.61
CA SER F 10 -18.73 -7.21 15.65
C SER F 10 -19.65 -8.35 15.22
N PHE F 11 -19.20 -9.14 14.26
CA PHE F 11 -20.00 -10.25 13.79
C PHE F 11 -21.43 -9.79 13.56
N ASP F 12 -21.56 -8.70 12.81
CA ASP F 12 -22.84 -8.09 12.54
C ASP F 12 -23.12 -8.03 11.05
N PRO F 13 -23.46 -9.17 10.44
CA PRO F 13 -23.55 -10.51 11.02
C PRO F 13 -22.27 -11.30 10.75
N MET F 14 -22.17 -12.49 11.33
CA MET F 14 -21.04 -13.37 11.08
C MET F 14 -21.05 -13.92 9.64
N THR F 15 -19.91 -13.85 8.97
CA THR F 15 -19.83 -14.33 7.60
C THR F 15 -19.07 -15.64 7.53
N ASN F 16 -19.02 -16.21 6.33
CA ASN F 16 -18.18 -17.37 6.08
C ASN F 16 -16.70 -17.02 6.25
N GLY F 17 -16.36 -15.75 6.04
CA GLY F 17 -15.01 -15.27 6.28
C GLY F 17 -14.62 -15.44 7.74
N HIS F 18 -15.47 -14.96 8.64
CA HIS F 18 -15.24 -15.15 10.07
C HIS F 18 -15.14 -16.64 10.37
N LEU F 19 -16.06 -17.40 9.78
CA LEU F 19 -16.16 -18.82 10.04
C LEU F 19 -14.86 -19.50 9.61
N ASN F 20 -14.41 -19.15 8.42
CA ASN F 20 -13.17 -19.69 7.91
C ASN F 20 -12.04 -19.47 8.93
N LEU F 21 -11.94 -18.24 9.44
CA LEU F 21 -10.92 -17.92 10.44
C LEU F 21 -11.05 -18.78 11.69
N ILE F 22 -12.28 -18.97 12.15
CA ILE F 22 -12.54 -19.72 13.36
C ILE F 22 -12.14 -21.18 13.17
N GLU F 23 -12.47 -21.74 12.02
CA GLU F 23 -12.11 -23.13 11.72
C GLU F 23 -10.62 -23.34 11.73
N ARG F 24 -9.88 -22.39 11.15
CA ARG F 24 -8.44 -22.52 11.07
C ARG F 24 -7.85 -22.32 12.46
N SER F 25 -8.38 -21.34 13.20
CA SER F 25 -7.97 -21.08 14.58
C SER F 25 -8.18 -22.28 15.52
N ALA F 26 -9.24 -23.05 15.29
CA ALA F 26 -9.58 -24.19 16.14
C ALA F 26 -8.52 -25.28 16.02
N LYS F 27 -7.85 -25.30 14.88
CA LYS F 27 -6.79 -26.27 14.63
C LYS F 27 -5.50 -25.89 15.32
N LEU F 28 -5.37 -24.61 15.64
CA LEU F 28 -4.13 -24.09 16.17
C LEU F 28 -4.15 -24.00 17.70
N PHE F 29 -5.22 -23.41 18.25
CA PHE F 29 -5.33 -23.22 19.69
C PHE F 29 -6.12 -24.33 20.34
N ASP F 30 -5.84 -24.59 21.60
CA ASP F 30 -6.62 -25.53 22.39
C ASP F 30 -8.02 -25.01 22.59
N GLU F 31 -8.15 -23.70 22.75
CA GLU F 31 -9.48 -23.13 22.87
C GLU F 31 -9.60 -21.82 22.11
N VAL F 32 -10.69 -21.67 21.38
CA VAL F 32 -10.97 -20.43 20.69
C VAL F 32 -12.23 -19.83 21.27
N ILE F 33 -12.11 -18.63 21.83
CA ILE F 33 -13.28 -17.93 22.34
C ILE F 33 -13.70 -16.81 21.39
N ILE F 34 -14.93 -16.89 20.93
CA ILE F 34 -15.45 -15.83 20.08
C ILE F 34 -16.15 -14.78 20.95
N GLY F 35 -15.60 -13.58 20.94
CA GLY F 35 -16.14 -12.50 21.74
C GLY F 35 -16.94 -11.50 20.93
N VAL F 36 -18.27 -11.59 21.03
CA VAL F 36 -19.14 -10.60 20.42
C VAL F 36 -19.16 -9.33 21.25
N PHE F 37 -18.48 -8.29 20.77
CA PHE F 37 -18.21 -7.10 21.58
C PHE F 37 -19.19 -5.94 21.36
N ILE F 38 -20.41 -6.11 21.82
CA ILE F 38 -21.48 -5.12 21.64
C ILE F 38 -21.03 -3.69 21.99
N LEU F 45 -26.70 -3.51 13.48
CA LEU F 45 -27.61 -3.26 14.58
C LEU F 45 -28.31 -4.55 15.03
N PHE F 46 -27.91 -5.67 14.43
CA PHE F 46 -28.30 -6.99 14.92
C PHE F 46 -27.94 -7.01 16.40
N THR F 47 -28.77 -7.63 17.23
CA THR F 47 -28.56 -7.53 18.68
C THR F 47 -27.71 -8.67 19.26
N PRO F 48 -27.14 -8.43 20.47
CA PRO F 48 -26.24 -9.35 21.20
C PRO F 48 -26.78 -10.76 21.41
N GLU F 49 -27.78 -10.92 22.27
CA GLU F 49 -28.28 -12.26 22.58
C GLU F 49 -28.52 -13.04 21.29
N GLU F 50 -28.92 -12.32 20.25
CA GLU F 50 -29.20 -12.92 18.94
C GLU F 50 -27.93 -13.49 18.32
N LYS F 51 -26.94 -12.62 18.11
CA LYS F 51 -25.65 -13.04 17.59
C LYS F 51 -25.20 -14.35 18.23
N LYS F 52 -25.01 -14.34 19.55
CA LYS F 52 -24.51 -15.52 20.28
C LYS F 52 -25.16 -16.82 19.82
N TYR F 53 -26.48 -16.89 19.89
CA TYR F 53 -27.18 -18.11 19.49
C TYR F 53 -26.82 -18.47 18.06
N LEU F 54 -26.88 -17.47 17.18
CA LEU F 54 -26.55 -17.68 15.77
C LEU F 54 -25.11 -18.17 15.59
N ILE F 55 -24.19 -17.53 16.29
CA ILE F 55 -22.77 -17.87 16.19
C ILE F 55 -22.48 -19.24 16.80
N GLU F 56 -23.13 -19.57 17.91
CA GLU F 56 -23.03 -20.90 18.47
C GLU F 56 -23.60 -21.93 17.50
N GLU F 57 -24.79 -21.63 16.99
CA GLU F 57 -25.45 -22.49 16.01
C GLU F 57 -24.53 -22.79 14.84
N ALA F 58 -23.77 -21.78 14.42
CA ALA F 58 -22.88 -21.93 13.27
C ALA F 58 -21.56 -22.60 13.62
N THR F 59 -21.21 -22.62 14.91
CA THR F 59 -19.91 -23.16 15.31
C THR F 59 -20.00 -24.46 16.12
N LYS F 60 -21.22 -24.97 16.31
CA LYS F 60 -21.45 -26.11 17.21
C LYS F 60 -20.60 -27.35 16.92
N GLU F 61 -20.13 -27.49 15.68
CA GLU F 61 -19.37 -28.68 15.29
C GLU F 61 -17.89 -28.60 15.69
N MET F 62 -17.50 -27.53 16.36
CA MET F 62 -16.12 -27.41 16.84
C MET F 62 -16.07 -27.40 18.37
N PRO F 63 -15.72 -28.55 18.96
CA PRO F 63 -15.74 -28.75 20.42
C PRO F 63 -14.93 -27.72 21.20
N ASN F 64 -13.83 -27.22 20.63
CA ASN F 64 -12.98 -26.26 21.35
C ASN F 64 -13.27 -24.78 21.03
N VAL F 65 -14.46 -24.52 20.49
CA VAL F 65 -14.89 -23.15 20.22
C VAL F 65 -16.10 -22.83 21.08
N ARG F 66 -16.10 -21.65 21.70
CA ARG F 66 -17.30 -21.20 22.39
C ARG F 66 -17.48 -19.70 22.26
N VAL F 67 -18.70 -19.21 22.50
CA VAL F 67 -19.00 -17.81 22.28
C VAL F 67 -19.40 -17.12 23.58
N ILE F 68 -18.92 -15.89 23.76
CA ILE F 68 -19.35 -15.06 24.87
C ILE F 68 -19.77 -13.67 24.39
N MET F 69 -20.76 -13.10 25.06
CA MET F 69 -21.10 -11.71 24.86
C MET F 69 -20.26 -10.90 25.82
N GLN F 70 -19.47 -9.97 25.30
CA GLN F 70 -18.61 -9.17 26.17
C GLN F 70 -19.10 -7.75 26.35
N GLU F 71 -19.54 -7.44 27.56
CA GLU F 71 -19.90 -6.07 27.90
C GLU F 71 -18.76 -5.15 27.46
N THR F 72 -19.09 -4.15 26.65
CA THR F 72 -18.11 -3.22 26.10
C THR F 72 -16.97 -2.96 27.08
N GLN F 73 -15.74 -3.19 26.62
CA GLN F 73 -14.54 -2.96 27.42
C GLN F 73 -13.33 -3.06 26.52
N LEU F 74 -12.14 -2.83 27.08
CA LEU F 74 -10.92 -3.06 26.32
C LEU F 74 -10.84 -4.54 25.96
N THR F 75 -10.40 -4.84 24.75
CA THR F 75 -10.28 -6.23 24.33
C THR F 75 -9.28 -6.98 25.21
N VAL F 76 -8.17 -6.34 25.56
CA VAL F 76 -7.14 -7.02 26.33
C VAL F 76 -7.55 -7.28 27.78
N GLU F 77 -8.47 -6.48 28.32
CA GLU F 77 -9.01 -6.75 29.66
C GLU F 77 -9.96 -7.95 29.58
N SER F 78 -10.74 -8.00 28.51
CA SER F 78 -11.63 -9.13 28.28
C SER F 78 -10.81 -10.41 28.09
N ALA F 79 -9.65 -10.31 27.47
CA ALA F 79 -8.81 -11.48 27.25
C ALA F 79 -8.31 -11.99 28.61
N LYS F 80 -7.73 -11.08 29.39
CA LYS F 80 -7.30 -11.40 30.74
C LYS F 80 -8.36 -12.12 31.57
N SER F 81 -9.57 -11.59 31.60
CA SER F 81 -10.64 -12.24 32.38
C SER F 81 -10.85 -13.67 31.95
N LEU F 82 -10.86 -13.89 30.64
CA LEU F 82 -11.13 -15.21 30.10
C LEU F 82 -9.91 -16.10 30.21
N GLY F 83 -8.75 -15.50 30.46
CA GLY F 83 -7.51 -16.24 30.47
C GLY F 83 -6.98 -16.54 29.08
N ALA F 84 -7.38 -15.74 28.10
CA ALA F 84 -6.84 -15.88 26.76
C ALA F 84 -5.52 -15.16 26.68
N ASN F 85 -4.51 -15.84 26.13
CA ASN F 85 -3.17 -15.28 25.98
C ASN F 85 -2.92 -14.80 24.55
N PHE F 86 -3.83 -15.14 23.65
CA PHE F 86 -3.68 -14.80 22.27
C PHE F 86 -4.92 -14.10 21.75
N LEU F 87 -4.71 -13.10 20.91
CA LEU F 87 -5.77 -12.45 20.16
C LEU F 87 -5.61 -12.92 18.73
N ILE F 88 -6.70 -13.38 18.11
CA ILE F 88 -6.72 -13.81 16.72
C ILE F 88 -7.31 -12.70 15.85
N ARG F 89 -6.58 -12.26 14.83
CA ARG F 89 -7.15 -11.31 13.85
C ARG F 89 -6.98 -11.86 12.43
N GLY F 90 -7.80 -11.36 11.51
CA GLY F 90 -7.65 -11.68 10.10
C GLY F 90 -7.28 -10.44 9.31
N ILE F 91 -6.53 -10.63 8.24
CA ILE F 91 -6.16 -9.55 7.34
C ILE F 91 -6.62 -9.90 5.94
N ARG F 92 -7.42 -9.03 5.33
CA ARG F 92 -7.83 -9.32 3.96
C ARG F 92 -7.19 -8.38 2.93
N ASN F 93 -6.64 -7.24 3.36
CA ASN F 93 -5.97 -6.34 2.43
C ASN F 93 -5.06 -5.34 3.15
N VAL F 94 -4.45 -4.42 2.40
CA VAL F 94 -3.51 -3.48 3.03
C VAL F 94 -4.21 -2.68 4.10
N LYS F 95 -5.43 -2.26 3.80
CA LYS F 95 -6.23 -1.54 4.75
C LYS F 95 -6.37 -2.24 6.10
N ASP F 96 -6.76 -3.52 6.11
CA ASP F 96 -6.84 -4.28 7.36
C ASP F 96 -5.48 -4.35 7.99
N TYR F 97 -4.47 -4.61 7.18
CA TYR F 97 -3.13 -4.73 7.74
C TYR F 97 -2.77 -3.48 8.56
N GLU F 98 -2.97 -2.28 8.00
CA GLU F 98 -2.52 -1.07 8.70
C GLU F 98 -3.38 -0.80 9.93
N TYR F 99 -4.66 -1.09 9.80
CA TYR F 99 -5.60 -0.91 10.90
C TYR F 99 -5.32 -1.89 12.03
N GLU F 100 -5.22 -3.18 11.71
CA GLU F 100 -4.95 -4.20 12.73
C GLU F 100 -3.58 -4.00 13.35
N LYS F 101 -2.61 -3.55 12.57
CA LYS F 101 -1.27 -3.30 13.10
C LYS F 101 -1.25 -2.25 14.21
N ASP F 102 -1.95 -1.14 14.02
CA ASP F 102 -2.02 -0.11 15.07
C ASP F 102 -2.75 -0.63 16.29
N ILE F 103 -3.87 -1.34 16.06
CA ILE F 103 -4.62 -1.95 17.15
C ILE F 103 -3.72 -2.90 17.95
N ALA F 104 -2.91 -3.70 17.24
CA ALA F 104 -2.06 -4.70 17.90
C ALA F 104 -0.96 -4.02 18.71
N LYS F 105 -0.44 -2.91 18.18
CA LYS F 105 0.57 -2.15 18.90
C LYS F 105 -0.01 -1.55 20.17
N MET F 106 -1.21 -1.00 20.09
CA MET F 106 -1.86 -0.41 21.27
C MET F 106 -2.12 -1.53 22.28
N ASN F 107 -2.66 -2.64 21.81
CA ASN F 107 -2.91 -3.78 22.69
C ASN F 107 -1.63 -4.29 23.33
N GLN F 108 -0.50 -4.18 22.65
CA GLN F 108 0.75 -4.64 23.23
C GLN F 108 1.22 -3.66 24.31
N HIS F 109 0.84 -2.39 24.15
CA HIS F 109 1.20 -1.39 25.15
C HIS F 109 0.36 -1.61 26.41
N LEU F 110 -0.90 -1.95 26.19
CA LEU F 110 -1.85 -2.19 27.25
C LEU F 110 -1.64 -3.54 27.92
N ALA F 111 -1.18 -4.52 27.15
CA ALA F 111 -1.01 -5.86 27.69
C ALA F 111 0.07 -6.63 26.95
N PRO F 112 1.35 -6.39 27.30
CA PRO F 112 2.53 -6.94 26.62
C PRO F 112 2.58 -8.47 26.66
N GLU F 113 1.87 -9.08 27.59
CA GLU F 113 1.95 -10.53 27.77
C GLU F 113 0.97 -11.23 26.84
N ILE F 114 0.08 -10.45 26.24
CA ILE F 114 -0.87 -10.99 25.28
C ILE F 114 -0.33 -10.83 23.88
N GLU F 115 -0.41 -11.89 23.09
CA GLU F 115 0.13 -11.90 21.74
C GLU F 115 -1.00 -11.78 20.72
N THR F 116 -0.80 -10.96 19.71
CA THR F 116 -1.75 -10.93 18.59
C THR F 116 -1.24 -11.79 17.43
N VAL F 117 -2.09 -12.70 16.97
CA VAL F 117 -1.72 -13.66 15.94
C VAL F 117 -2.57 -13.40 14.71
N PHE F 118 -1.99 -13.50 13.53
CA PHE F 118 -2.71 -13.16 12.29
C PHE F 118 -2.83 -14.30 11.30
N LEU F 119 -4.03 -14.40 10.71
CA LEU F 119 -4.31 -15.30 9.61
C LEU F 119 -4.73 -14.42 8.44
N LEU F 120 -4.29 -14.78 7.24
CA LEU F 120 -4.76 -14.08 6.05
C LEU F 120 -6.07 -14.70 5.56
N ALA F 121 -6.94 -13.85 5.05
CA ALA F 121 -8.18 -14.30 4.42
C ALA F 121 -7.93 -15.37 3.36
N GLU F 122 -8.80 -16.37 3.35
CA GLU F 122 -8.77 -17.39 2.33
C GLU F 122 -9.48 -16.72 1.16
N GLU F 123 -8.82 -16.68 0.02
CA GLU F 123 -9.15 -15.69 -1.02
C GLU F 123 -10.59 -15.67 -1.55
N PRO F 124 -11.31 -16.81 -1.45
CA PRO F 124 -12.75 -16.80 -1.75
C PRO F 124 -13.48 -15.71 -0.96
N TYR F 125 -12.98 -15.39 0.23
CA TYR F 125 -13.65 -14.41 1.09
C TYR F 125 -12.85 -13.13 1.35
N ALA F 126 -11.80 -12.89 0.56
CA ALA F 126 -10.95 -11.72 0.84
C ALA F 126 -11.70 -10.39 0.69
N HIS F 127 -12.71 -10.38 -0.16
CA HIS F 127 -13.52 -9.18 -0.43
C HIS F 127 -14.72 -9.08 0.49
N VAL F 128 -14.90 -10.09 1.34
CA VAL F 128 -16.12 -10.16 2.15
C VAL F 128 -16.02 -9.47 3.50
N SER F 129 -16.98 -8.59 3.75
CA SER F 129 -17.15 -7.96 5.05
C SER F 129 -18.64 -7.80 5.31
N SER F 130 -19.01 -7.82 6.57
CA SER F 130 -20.41 -7.65 6.96
C SER F 130 -21.07 -6.42 6.33
N SER F 131 -20.34 -5.31 6.26
CA SER F 131 -20.96 -4.08 5.77
C SER F 131 -21.21 -4.14 4.26
N LEU F 132 -20.31 -4.78 3.52
CA LEU F 132 -20.52 -4.98 2.08
C LEU F 132 -21.67 -5.97 1.85
N LEU F 133 -21.71 -7.02 2.65
CA LEU F 133 -22.81 -7.96 2.58
C LEU F 133 -24.13 -7.26 2.88
N LYS F 134 -24.14 -6.40 3.89
CA LYS F 134 -25.37 -5.73 4.29
C LYS F 134 -25.86 -4.82 3.18
N GLU F 135 -24.94 -4.07 2.57
CA GLU F 135 -25.29 -3.19 1.47
C GLU F 135 -25.88 -3.97 0.28
N VAL F 136 -25.36 -5.17 0.03
CA VAL F 136 -25.79 -5.96 -1.12
C VAL F 136 -27.14 -6.60 -0.87
N LEU F 137 -27.37 -6.99 0.38
CA LEU F 137 -28.66 -7.55 0.78
C LEU F 137 -29.75 -6.50 0.70
N ARG F 138 -29.44 -5.29 1.15
CA ARG F 138 -30.37 -4.18 1.06
C ARG F 138 -31.03 -4.15 -0.33
N PHE F 139 -30.22 -4.27 -1.37
CA PHE F 139 -30.74 -4.15 -2.73
C PHE F 139 -31.12 -5.50 -3.35
N GLY F 140 -31.31 -6.51 -2.52
CA GLY F 140 -31.79 -7.80 -2.98
C GLY F 140 -30.75 -8.73 -3.58
N GLY F 141 -29.48 -8.43 -3.31
CA GLY F 141 -28.40 -9.23 -3.86
C GLY F 141 -28.36 -10.59 -3.21
N ASP F 142 -27.93 -11.59 -3.96
CA ASP F 142 -27.81 -12.94 -3.41
C ASP F 142 -26.39 -13.19 -2.91
N VAL F 143 -26.22 -13.14 -1.60
CA VAL F 143 -24.93 -13.35 -0.97
C VAL F 143 -24.95 -14.55 -0.03
N SER F 144 -25.88 -15.47 -0.30
CA SER F 144 -26.00 -16.71 0.46
C SER F 144 -24.73 -17.57 0.41
N ASP F 145 -23.93 -17.42 -0.63
CA ASP F 145 -22.65 -18.15 -0.66
C ASP F 145 -21.66 -17.62 0.38
N TYR F 146 -21.97 -16.48 0.97
CA TYR F 146 -21.03 -15.85 1.89
C TYR F 146 -21.47 -15.91 3.35
N LEU F 147 -22.58 -16.59 3.62
CA LEU F 147 -23.08 -16.68 4.99
C LEU F 147 -23.35 -18.12 5.39
N PRO F 148 -23.09 -18.46 6.66
CA PRO F 148 -23.57 -19.74 7.15
C PRO F 148 -25.09 -19.80 6.96
N PRO F 149 -25.61 -20.95 6.51
CA PRO F 149 -27.04 -21.07 6.19
C PRO F 149 -27.93 -20.53 7.31
N ASN F 150 -27.65 -20.92 8.55
CA ASN F 150 -28.43 -20.47 9.69
C ASN F 150 -28.54 -18.95 9.77
N ILE F 151 -27.43 -18.27 9.51
CA ILE F 151 -27.38 -16.81 9.59
C ILE F 151 -28.05 -16.13 8.39
N TYR F 152 -27.95 -16.76 7.23
CA TYR F 152 -28.62 -16.27 6.03
C TYR F 152 -30.14 -16.22 6.22
N HIS F 153 -30.74 -17.38 6.50
CA HIS F 153 -32.16 -17.45 6.80
C HIS F 153 -32.57 -16.41 7.84
N ALA F 154 -31.97 -16.50 9.03
CA ALA F 154 -32.30 -15.59 10.11
C ALA F 154 -32.15 -14.15 9.65
N LEU F 155 -31.40 -13.95 8.58
CA LEU F 155 -31.13 -12.62 8.08
C LEU F 155 -32.22 -12.16 7.12
N LYS F 156 -32.92 -13.12 6.53
CA LYS F 156 -33.97 -12.82 5.56
C LYS F 156 -35.26 -12.34 6.23
N GLN F 157 -35.16 -11.89 7.48
CA GLN F 157 -36.31 -11.34 8.18
C GLN F 157 -36.36 -9.84 8.03
N LYS F 158 -35.76 -9.33 6.96
CA LYS F 158 -35.74 -7.90 6.70
C LYS F 158 -36.71 -7.55 5.56
PG ATP G . 7.29 -12.56 -14.28
O1G ATP G . 8.08 -13.60 -15.03
O2G ATP G . 7.98 -11.22 -14.10
O3G ATP G . 6.62 -13.11 -13.04
PB ATP G . 4.54 -12.15 -15.06
O1B ATP G . 4.35 -11.02 -14.10
O2B ATP G . 3.89 -13.49 -14.82
O3B ATP G . 6.13 -12.20 -15.35
PA ATP G . 4.29 -10.38 -17.29
O1A ATP G . 5.16 -9.57 -16.38
O2A ATP G . 4.73 -10.55 -18.72
O3A ATP G . 4.10 -11.82 -16.59
O5' ATP G . 2.79 -9.82 -17.22
C5' ATP G . 2.04 -9.45 -18.39
C4' ATP G . 0.88 -8.57 -17.90
O4' ATP G . -0.15 -9.41 -17.36
C3' ATP G . 1.28 -7.63 -16.76
O3' ATP G . 0.44 -6.48 -16.81
C2' ATP G . 0.89 -8.41 -15.52
O2' ATP G . 0.68 -7.56 -14.38
C1' ATP G . -0.35 -9.15 -15.98
N9 ATP G . -0.50 -10.44 -15.27
C8 ATP G . 0.44 -11.39 -15.15
N7 ATP G . -0.03 -12.45 -14.43
C5 ATP G . -1.30 -12.16 -14.08
C6 ATP G . -2.36 -12.82 -13.29
N6 ATP G . -2.16 -14.03 -12.74
N1 ATP G . -3.54 -12.18 -13.16
C2 ATP G . -3.75 -10.97 -13.70
N3 ATP G . -2.82 -10.29 -14.42
C4 ATP G . -1.60 -10.84 -14.63
PG ATP H . -16.71 11.45 -3.36
O1G ATP H . -17.86 12.43 -3.36
O2G ATP H . -16.92 10.16 -2.59
O3G ATP H . -15.37 12.13 -3.15
PB ATP H . -15.62 9.94 -5.50
O1B ATP H . -14.79 9.29 -4.41
O2B ATP H . -14.96 10.68 -6.62
O3B ATP H . -16.70 10.95 -4.87
PA ATP H . -17.48 8.81 -7.39
O1A ATP H . -18.62 7.84 -7.20
O2A ATP H . -17.83 10.19 -7.89
O3A ATP H . -16.72 8.85 -5.98
O5' ATP H . -16.42 8.17 -8.42
C5' ATP H . -16.89 7.39 -9.53
C4' ATP H . -15.76 6.60 -10.19
O4' ATP H . -14.87 7.52 -10.83
C3' ATP H . -14.93 5.83 -9.17
O3' ATP H . -14.39 4.67 -9.78
C2' ATP H . -13.77 6.78 -8.92
O2' ATP H . -12.62 6.09 -8.40
C1' ATP H . -13.56 7.38 -10.31
N9 ATP H . -12.97 8.71 -10.14
C8 ATP H . -13.45 9.69 -9.37
N7 ATP H . -12.65 10.78 -9.47
C5 ATP H . -11.64 10.48 -10.30
C6 ATP H . -10.44 11.17 -10.84
N6 ATP H . -10.15 12.44 -10.48
N1 ATP H . -9.65 10.48 -11.69
C2 ATP H . -9.92 9.22 -12.05
N3 ATP H . -10.99 8.54 -11.61
C4 ATP H . -11.86 9.11 -10.74
PG ATP I . 17.31 4.49 -9.95
O1G ATP I . 18.26 4.49 -11.13
O2G ATP I . 17.61 3.46 -8.87
O3G ATP I . 15.87 4.61 -10.38
PB ATP I . 16.48 6.88 -8.61
O1B ATP I . 15.71 6.13 -7.55
O2B ATP I . 15.80 7.63 -9.73
O3B ATP I . 17.61 5.90 -9.21
PA ATP I . 18.13 7.83 -6.52
O1A ATP I . 17.84 6.45 -5.99
O2A ATP I . 19.54 8.31 -6.63
O3A ATP I . 17.46 7.99 -7.97
O5' ATP I . 17.19 8.81 -5.64
C5' ATP I . 17.66 9.89 -4.83
C4' ATP I . 16.48 10.38 -4.00
O4' ATP I . 15.65 11.22 -4.81
C3' ATP I . 15.62 9.21 -3.56
O3' ATP I . 15.15 9.50 -2.24
C2' ATP I . 14.44 9.23 -4.50
O2' ATP I . 13.25 8.75 -3.87
C1' ATP I . 14.32 10.70 -4.86
N9 ATP I . 13.77 10.87 -6.22
C8 ATP I . 14.27 10.31 -7.34
N7 ATP I . 13.56 10.67 -8.43
C5 ATP I . 12.57 11.47 -8.01
C6 ATP I . 11.45 12.20 -8.64
N6 ATP I . 11.26 12.11 -9.99
N1 ATP I . 10.65 12.95 -7.86
C2 ATP I . 10.85 13.04 -6.53
N3 ATP I . 11.84 12.40 -5.88
C4 ATP I . 12.72 11.62 -6.55
PG ATP J . -7.49 12.03 14.78
O1G ATP J . -6.98 10.66 15.19
O2G ATP J . -8.29 12.72 15.86
O3G ATP J . -8.08 12.11 13.40
PB ATP J . -4.90 12.73 13.71
O1B ATP J . -5.23 11.68 12.68
O2B ATP J . -3.65 12.64 14.53
O3B ATP J . -6.17 12.96 14.70
PA ATP J . -4.23 15.51 13.39
O1A ATP J . -4.91 16.56 12.56
O2A ATP J . -4.28 15.67 14.89
O3A ATP J . -4.94 14.14 12.92
O5' ATP J . -2.70 15.41 12.91
C5' ATP J . -1.95 16.58 12.58
C4' ATP J . -0.74 16.16 11.75
O4' ATP J . 0.18 15.48 12.60
C3' ATP J . -1.08 15.19 10.63
O3' ATP J . -0.22 15.48 9.52
C2' ATP J . -0.70 13.82 11.19
O2' ATP J . -0.27 12.90 10.17
C1' ATP J . 0.44 14.16 12.13
N9 ATP J . 0.48 13.18 13.24
C8 ATP J . -0.55 12.83 14.04
N7 ATP J . -0.14 11.90 14.93
C5 ATP J . 1.16 11.63 14.70
C6 ATP J . 2.20 10.75 15.30
N6 ATP J . 1.92 9.91 16.33
N1 ATP J . 3.44 10.79 14.77
C2 ATP J . 3.75 11.60 13.74
N3 ATP J . 2.85 12.43 13.16
C4 ATP J . 1.57 12.49 13.59
PG ATP K . 16.77 -10.94 3.54
O1G ATP K . 17.34 -9.64 4.07
O2G ATP K . 17.81 -11.88 2.96
O3G ATP K . 15.52 -10.79 2.71
PB ATP K . 15.20 -11.21 5.93
O1B ATP K . 14.00 -10.67 5.18
O2B ATP K . 15.91 -10.39 6.98
O3B ATP K . 16.29 -11.75 4.86
PA ATP K . 14.27 -13.91 5.99
O1A ATP K . 14.01 -13.62 4.54
O2A ATP K . 15.17 -15.05 6.39
O3A ATP K . 14.84 -12.58 6.70
O5' ATP K . 12.84 -13.99 6.71
C5' ATP K . 12.34 -15.06 7.49
C4' ATP K . 10.93 -14.61 7.89
O4' ATP K . 11.02 -13.74 9.01
C3' ATP K . 10.23 -13.84 6.78
O3' ATP K . 8.84 -14.14 6.86
C2' ATP K . 10.44 -12.38 7.18
O2' ATP K . 9.43 -11.50 6.69
C1' ATP K . 10.45 -12.47 8.70
N9 ATP K . 11.28 -11.38 9.30
C8 ATP K . 12.54 -11.04 8.92
N7 ATP K . 12.99 -10.01 9.68
C5 ATP K . 12.01 -9.67 10.55
C6 ATP K . 11.83 -8.67 11.63
N6 ATP K . 12.81 -7.79 11.92
N1 ATP K . 10.66 -8.66 12.29
C2 ATP K . 9.66 -9.52 12.01
N3 ATP K . 9.76 -10.45 11.04
C4 ATP K . 10.89 -10.57 10.29
PG ATP L . -17.63 -4.45 9.32
O1G ATP L . -17.49 -4.64 7.82
O2G ATP L . -19.02 -4.65 9.86
O3G ATP L . -16.91 -3.26 9.89
PB ATP L . -15.59 -6.50 9.49
O1B ATP L . -14.75 -5.59 8.62
O2B ATP L . -16.05 -7.84 9.00
O3B ATP L . -16.89 -5.71 10.02
PA ATP L . -15.22 -7.44 12.22
O1A ATP L . -15.30 -6.49 13.38
O2A ATP L . -16.37 -8.38 12.01
O3A ATP L . -14.87 -6.53 10.93
O5' ATP L . -13.78 -8.19 12.35
C5' ATP L . -13.56 -9.57 12.65
C4' ATP L . -12.08 -9.88 12.44
O4' ATP L . -12.01 -10.84 11.39
C3' ATP L . -11.22 -8.71 11.99
O3' ATP L . -9.87 -8.94 12.39
C2' ATP L . -11.29 -8.80 10.48
O2' ATP L . -10.14 -8.23 9.84
C1' ATP L . -11.36 -10.29 10.26
N9 ATP L . -12.19 -10.61 9.09
C8 ATP L . -13.40 -10.08 8.81
N7 ATP L . -13.90 -10.58 7.66
C5 ATP L . -12.99 -11.44 7.19
C6 ATP L . -12.88 -12.30 5.99
N6 ATP L . -13.89 -12.33 5.10
N1 ATP L . -11.77 -13.06 5.86
C2 ATP L . -10.77 -13.03 6.77
N3 ATP L . -10.79 -12.25 7.87
C4 ATP L . -11.86 -11.46 8.12
#